data_3ZVV
#
_entry.id   3ZVV
#
_cell.length_a   143.488
_cell.length_b   68.031
_cell.length_c   106.251
_cell.angle_alpha   90.00
_cell.angle_beta   95.16
_cell.angle_gamma   90.00
#
_symmetry.space_group_name_H-M   'C 1 2 1'
#
loop_
_entity.id
_entity.type
_entity.pdbx_description
1 polymer 'PHOSPHATIDYLINOSITOL-4,5-BISPHOSPHATE 3-KINASE CATALYTIC SUBUNIT GAMMA ISOFORM'
2 non-polymer 5,7-dimethylpyrazolo[1,5-a]pyrimidin-2-amine
3 water water
#
_entity_poly.entity_id   1
_entity_poly.type   'polypeptide(L)'
_entity_poly.pdbx_seq_one_letter_code
;MSEESQAFQRQLTALIGYDVTDVSNVHDDELEFTRRGLVTPRMAEVASRDPKLYAMHPWVTSKPLPEYLWKKIANNCIFI
VIHRSTTSQTIKVSPDDTPGAILQSFFTKMAKKKSLMDIPESQSEQDFVLRVCGRDEYLVGETPIKNFQWVRHCLKNGEE
IHVVLDTPPDPALDEVRKEEWPLVDDCTGVTGYHEQLTIHGKDHESVFTVSLWDCDRKFRVKIRGIDIPVLPRNTDLTVF
VEANIQHGQQVLCQRRTSPKPFTEEVLWNVWLEFSIKIKDLPKGALLNLQIYCGKAPALSSKASAESPSSESKGKVQLLY
YVNLLLIDHRFLLRRGEYVLHMWQISGKGEDQGSFNADKLTSATNPDKENSMSISILLDNYCHPIALPKHQPTPDPEGDR
VRAEMPNQLRKQLEAIIATDPLNPLTAEDKELLWHFRYESLKHPKAYPKLFSSVKWGQQEIVAKTYQLLARREVWDQSAL
DVGLTMQLLDCNFSDENVRAIAVQKLESLEDDDVLHYLLQLVQAVKFEPYHDSALARFLLKRGLRNKRIGHFLFWFLRSE
IAQSRHYQQRFAVILEAYLRGCGTAMLHDFTQQVQVIEMLQKVTLDIKSLSAEKYDVSSQVISQLKQKLENLQNSQLPES
FRVPYDPGLKAGALAIEKCKVMASKKKPLWLEFKCADPTALSNETIGIIFKHGDDLRQDMLILQILRIMESIWETESLDL
CLLPYGCISTGDKIGMIEIVKDATTIAKIQQSTVGNTGAFKDEVLNHWLKEKSPTEEKFQAAVERFVYSCAGYCVATFVL
GIGDRHNDNIMITETGNLFHIDFGHILGNYKSFLGINKERVPFVLTPDFLFVMGTSGKKTSPHFQKFQDICVKAYLALRH
HTNLLIILFSMMLMTGMPQLTSKEDIEYIRDALTVGKNEEDAKKYFLDQIEVCRDKGWTVQFNWFLHLVLGIKQGEKHSA
HHHHHH
;
_entity_poly.pdbx_strand_id   A
#
loop_
_chem_comp.id
_chem_comp.type
_chem_comp.name
_chem_comp.formula
XAZ non-polymer 5,7-dimethylpyrazolo[1,5-a]pyrimidin-2-amine 'C8 H10 N4'
#
# COMPACT_ATOMS: atom_id res chain seq x y z
N SER A 2 -32.82 17.09 -8.67
CA SER A 2 -33.14 17.87 -7.48
C SER A 2 -32.05 18.91 -7.16
N GLU A 3 -32.32 19.86 -6.25
CA GLU A 3 -31.33 20.88 -5.87
C GLU A 3 -30.49 20.44 -4.67
N GLU A 4 -31.08 19.65 -3.75
CA GLU A 4 -30.29 19.12 -2.65
C GLU A 4 -29.44 17.96 -3.14
N SER A 5 -29.86 17.34 -4.26
CA SER A 5 -29.08 16.31 -4.96
C SER A 5 -27.85 17.00 -5.55
N GLN A 6 -28.04 18.22 -6.08
CA GLN A 6 -26.93 19.01 -6.61
C GLN A 6 -26.01 19.41 -5.47
N ALA A 7 -26.57 19.82 -4.32
CA ALA A 7 -25.82 20.17 -3.10
C ALA A 7 -25.03 18.96 -2.56
N PHE A 8 -25.63 17.76 -2.63
CA PHE A 8 -24.98 16.55 -2.19
C PHE A 8 -23.79 16.21 -3.10
N GLN A 9 -23.93 16.41 -4.42
CA GLN A 9 -22.85 16.19 -5.38
C GLN A 9 -21.70 17.15 -5.11
N ARG A 10 -21.99 18.41 -4.74
CA ARG A 10 -20.97 19.40 -4.36
C ARG A 10 -20.17 18.92 -3.15
N GLN A 11 -20.86 18.32 -2.17
CA GLN A 11 -20.26 17.79 -0.95
C GLN A 11 -19.31 16.65 -1.31
N LEU A 12 -19.77 15.74 -2.17
CA LEU A 12 -18.95 14.63 -2.63
C LEU A 12 -17.71 15.14 -3.39
N THR A 13 -17.88 16.16 -4.29
CA THR A 13 -16.77 16.72 -5.05
C THR A 13 -15.64 17.23 -4.15
N ALA A 14 -16.00 17.93 -3.06
CA ALA A 14 -15.04 18.47 -2.11
C ALA A 14 -14.30 17.37 -1.36
N LEU A 15 -15.02 16.29 -1.00
CA LEU A 15 -14.40 15.12 -0.36
C LEU A 15 -13.47 14.35 -1.28
N ILE A 16 -13.85 14.21 -2.56
CA ILE A 16 -13.06 13.45 -3.54
C ILE A 16 -11.82 14.23 -3.99
N GLY A 17 -11.97 15.54 -4.17
CA GLY A 17 -10.90 16.41 -4.66
C GLY A 17 -10.82 16.32 -6.17
N TYR A 18 -11.94 15.90 -6.79
CA TYR A 18 -12.10 15.73 -8.23
C TYR A 18 -13.59 15.68 -8.56
N ASP A 19 -13.99 16.32 -9.65
CA ASP A 19 -15.38 16.30 -10.11
C ASP A 19 -15.64 15.18 -11.13
N VAL A 20 -16.37 14.15 -10.70
CA VAL A 20 -16.71 12.99 -11.54
C VAL A 20 -17.76 13.32 -12.60
N THR A 21 -18.36 14.50 -12.51
CA THR A 21 -19.39 14.92 -13.46
C THR A 21 -18.82 15.79 -14.59
N ASP A 22 -17.51 16.11 -14.50
CA ASP A 22 -16.81 16.91 -15.50
C ASP A 22 -16.37 15.97 -16.59
N VAL A 23 -16.94 16.12 -17.77
CA VAL A 23 -16.75 15.26 -18.94
C VAL A 23 -15.91 15.93 -20.04
N SER A 24 -14.96 16.78 -19.65
CA SER A 24 -14.09 17.47 -20.59
C SER A 24 -13.00 16.57 -21.14
N ASN A 25 -12.50 15.63 -20.32
CA ASN A 25 -11.38 14.75 -20.65
C ASN A 25 -11.82 13.28 -20.93
N VAL A 26 -12.80 13.11 -21.81
CA VAL A 26 -13.37 11.79 -22.09
C VAL A 26 -13.72 11.62 -23.59
N HIS A 27 -13.54 10.44 -24.15
CA HIS A 27 -13.91 10.15 -25.53
C HIS A 27 -14.99 9.07 -25.62
N ASP A 28 -15.51 8.61 -24.45
CA ASP A 28 -16.61 7.63 -24.39
C ASP A 28 -17.31 7.71 -23.04
N ASP A 29 -18.40 6.96 -22.84
CA ASP A 29 -19.13 7.03 -21.59
C ASP A 29 -18.71 5.98 -20.56
N GLU A 30 -17.50 5.45 -20.65
CA GLU A 30 -17.06 4.43 -19.68
C GLU A 30 -17.14 4.82 -18.21
N LEU A 31 -16.72 6.05 -17.86
CA LEU A 31 -16.78 6.52 -16.48
C LEU A 31 -18.21 6.67 -15.99
N GLU A 32 -19.09 7.24 -16.83
CA GLU A 32 -20.50 7.42 -16.50
C GLU A 32 -21.21 6.05 -16.40
N PHE A 33 -20.84 5.10 -17.27
CA PHE A 33 -21.35 3.73 -17.28
C PHE A 33 -20.91 3.04 -15.97
N THR A 34 -19.67 3.30 -15.53
CA THR A 34 -19.12 2.75 -14.30
C THR A 34 -19.85 3.29 -13.06
N ARG A 35 -20.06 4.60 -12.99
CA ARG A 35 -20.85 5.21 -11.92
C ARG A 35 -22.22 4.50 -11.79
N ARG A 36 -22.95 4.31 -12.93
CA ARG A 36 -24.23 3.61 -12.94
C ARG A 36 -24.09 2.13 -12.56
N GLY A 37 -23.05 1.49 -13.06
CA GLY A 37 -22.78 0.09 -12.77
C GLY A 37 -22.44 -0.20 -11.32
N LEU A 38 -21.81 0.75 -10.61
CA LEU A 38 -21.43 0.55 -9.23
C LEU A 38 -22.59 0.79 -8.24
N VAL A 39 -23.74 1.27 -8.73
CA VAL A 39 -24.92 1.52 -7.89
C VAL A 39 -25.42 0.18 -7.27
N THR A 40 -25.61 -0.87 -8.09
CA THR A 40 -26.08 -2.21 -7.67
C THR A 40 -25.17 -2.84 -6.58
N PRO A 41 -23.83 -3.02 -6.81
CA PRO A 41 -22.98 -3.59 -5.76
C PRO A 41 -22.98 -2.75 -4.48
N ARG A 42 -23.05 -1.41 -4.61
CA ARG A 42 -23.11 -0.57 -3.41
C ARG A 42 -24.41 -0.83 -2.65
N MET A 43 -25.54 -0.75 -3.33
CA MET A 43 -26.85 -0.93 -2.72
C MET A 43 -26.98 -2.32 -2.11
N ALA A 44 -26.47 -3.35 -2.78
CA ALA A 44 -26.47 -4.73 -2.27
C ALA A 44 -25.66 -4.86 -0.97
N GLU A 45 -24.53 -4.22 -0.89
CA GLU A 45 -23.72 -4.25 0.34
C GLU A 45 -24.38 -3.45 1.47
N VAL A 46 -24.92 -2.26 1.16
CA VAL A 46 -25.62 -1.43 2.16
C VAL A 46 -26.79 -2.22 2.77
N ALA A 47 -27.58 -2.86 1.91
CA ALA A 47 -28.75 -3.63 2.31
C ALA A 47 -28.36 -4.87 3.14
N SER A 48 -27.13 -5.32 3.04
CA SER A 48 -26.63 -6.50 3.70
C SER A 48 -26.00 -6.26 5.07
N ARG A 49 -25.64 -5.03 5.42
CA ARG A 49 -24.93 -4.84 6.67
C ARG A 49 -25.71 -4.77 7.93
N ASP A 50 -25.12 -5.35 8.99
CA ASP A 50 -25.65 -5.39 10.35
C ASP A 50 -25.50 -3.98 10.93
N PRO A 51 -26.62 -3.25 11.17
CA PRO A 51 -26.52 -1.86 11.63
C PRO A 51 -25.65 -1.67 12.86
N LYS A 52 -25.83 -2.55 13.87
CA LYS A 52 -25.11 -2.45 15.15
C LYS A 52 -23.63 -2.73 14.99
N LEU A 53 -23.30 -3.79 14.23
CA LEU A 53 -21.92 -4.17 13.98
C LEU A 53 -21.22 -3.18 13.08
N TYR A 54 -21.98 -2.57 12.14
CA TYR A 54 -21.38 -1.54 11.29
C TYR A 54 -21.01 -0.32 12.15
N ALA A 55 -21.92 0.10 13.02
CA ALA A 55 -21.73 1.26 13.88
C ALA A 55 -20.59 1.12 14.87
N MET A 56 -20.36 -0.11 15.34
CA MET A 56 -19.34 -0.39 16.35
C MET A 56 -18.03 -0.93 15.82
N HIS A 57 -18.01 -1.34 14.53
CA HIS A 57 -16.80 -1.79 13.82
C HIS A 57 -15.79 -2.54 14.69
N PRO A 58 -16.14 -3.65 15.38
CA PRO A 58 -15.12 -4.31 16.20
C PRO A 58 -13.91 -4.71 15.37
N TRP A 59 -12.70 -4.56 15.93
CA TRP A 59 -11.46 -4.89 15.20
C TRP A 59 -10.92 -6.17 15.76
N VAL A 60 -11.11 -7.25 15.01
CA VAL A 60 -10.89 -8.63 15.43
C VAL A 60 -10.00 -9.42 14.49
N THR A 61 -9.47 -10.53 14.98
CA THR A 61 -8.69 -11.49 14.18
C THR A 61 -9.09 -12.93 14.52
N SER A 62 -8.99 -13.84 13.56
CA SER A 62 -9.22 -15.27 13.77
C SER A 62 -7.90 -16.02 13.95
N LYS A 63 -6.78 -15.29 13.88
CA LYS A 63 -5.45 -15.89 14.02
C LYS A 63 -5.22 -16.31 15.47
N PRO A 64 -4.37 -17.35 15.69
CA PRO A 64 -4.09 -17.76 17.08
C PRO A 64 -3.35 -16.64 17.82
N LEU A 65 -3.48 -16.63 19.15
CA LEU A 65 -2.75 -15.69 19.98
C LEU A 65 -1.29 -16.14 19.91
N PRO A 66 -0.37 -15.27 19.43
CA PRO A 66 1.04 -15.66 19.31
C PRO A 66 1.65 -16.21 20.58
N GLU A 67 2.67 -17.08 20.47
CA GLU A 67 3.37 -17.67 21.64
C GLU A 67 3.91 -16.56 22.57
N TYR A 68 4.50 -15.49 21.98
CA TYR A 68 5.03 -14.37 22.76
C TYR A 68 3.96 -13.58 23.50
N LEU A 69 2.69 -13.72 23.07
CA LEU A 69 1.60 -13.05 23.76
C LEU A 69 1.02 -13.91 24.88
N TRP A 70 0.93 -15.23 24.66
CA TRP A 70 0.47 -16.19 25.68
C TRP A 70 1.35 -16.13 26.93
N LYS A 71 2.67 -15.93 26.76
CA LYS A 71 3.63 -15.84 27.85
C LYS A 71 3.39 -14.59 28.72
N LYS A 72 2.70 -13.58 28.18
CA LYS A 72 2.35 -12.35 28.88
C LYS A 72 1.09 -12.51 29.75
N ILE A 73 0.44 -13.69 29.66
CA ILE A 73 -0.77 -14.00 30.46
C ILE A 73 -0.38 -14.90 31.63
N ALA A 74 -0.66 -14.42 32.86
CA ALA A 74 -0.32 -15.09 34.11
C ALA A 74 -0.96 -16.47 34.31
N ASN A 75 -2.13 -16.52 34.97
CA ASN A 75 -2.79 -17.79 35.29
C ASN A 75 -4.09 -17.91 34.50
N ASN A 76 -3.97 -17.84 33.15
CA ASN A 76 -5.10 -17.83 32.21
C ASN A 76 -6.03 -16.66 32.60
N CYS A 77 -5.41 -15.55 33.03
CA CYS A 77 -6.13 -14.36 33.49
C CYS A 77 -5.73 -13.11 32.74
N ILE A 78 -6.74 -12.39 32.26
CA ILE A 78 -6.57 -11.10 31.62
C ILE A 78 -7.34 -10.08 32.47
N PHE A 79 -6.65 -9.03 32.89
CA PHE A 79 -7.27 -7.98 33.68
C PHE A 79 -7.83 -6.89 32.78
N ILE A 80 -9.08 -6.47 33.06
CA ILE A 80 -9.77 -5.41 32.33
C ILE A 80 -10.30 -4.37 33.33
N VAL A 81 -9.84 -3.12 33.19
CA VAL A 81 -10.26 -2.04 34.08
C VAL A 81 -11.51 -1.35 33.50
N ILE A 82 -12.65 -1.52 34.17
CA ILE A 82 -13.92 -0.95 33.71
C ILE A 82 -14.25 0.37 34.44
N HIS A 83 -14.37 1.46 33.67
CA HIS A 83 -14.71 2.78 34.17
C HIS A 83 -16.20 3.09 34.04
N ARG A 84 -16.72 3.97 34.90
CA ARG A 84 -18.11 4.41 34.90
C ARG A 84 -18.27 5.93 35.03
N SER A 85 -17.42 6.57 35.84
CA SER A 85 -17.41 8.02 36.01
C SER A 85 -16.04 8.47 36.49
N THR A 86 -15.93 8.77 37.80
CA THR A 86 -14.68 9.16 38.48
C THR A 86 -14.02 7.94 39.09
N THR A 87 -14.76 6.83 39.20
CA THR A 87 -14.26 5.57 39.74
C THR A 87 -14.07 4.54 38.64
N SER A 88 -13.37 3.44 38.97
CA SER A 88 -13.12 2.31 38.08
C SER A 88 -13.13 0.99 38.84
N GLN A 89 -13.14 -0.12 38.13
CA GLN A 89 -13.17 -1.45 38.72
C GLN A 89 -12.40 -2.48 37.88
N THR A 90 -11.35 -3.08 38.46
CA THR A 90 -10.54 -4.10 37.80
C THR A 90 -11.25 -5.45 37.89
N ILE A 91 -11.31 -6.18 36.77
CA ILE A 91 -11.94 -7.48 36.68
C ILE A 91 -11.06 -8.53 36.00
N LYS A 92 -10.92 -9.70 36.65
CA LYS A 92 -10.18 -10.85 36.13
C LYS A 92 -11.04 -11.54 35.11
N VAL A 93 -10.43 -11.92 33.97
CA VAL A 93 -11.15 -12.55 32.88
C VAL A 93 -10.36 -13.66 32.18
N SER A 94 -11.08 -14.61 31.58
CA SER A 94 -10.44 -15.66 30.82
C SER A 94 -10.21 -15.19 29.37
N PRO A 95 -9.07 -15.60 28.76
CA PRO A 95 -8.80 -15.25 27.34
C PRO A 95 -9.89 -15.69 26.36
N ASP A 96 -10.64 -16.76 26.68
CA ASP A 96 -11.74 -17.27 25.87
C ASP A 96 -13.08 -16.58 26.15
N ASP A 97 -13.12 -15.71 27.15
CA ASP A 97 -14.34 -14.98 27.49
C ASP A 97 -14.76 -13.96 26.45
N THR A 98 -16.03 -13.99 26.07
CA THR A 98 -16.62 -13.03 25.15
C THR A 98 -16.87 -11.72 25.93
N PRO A 99 -16.91 -10.53 25.27
CA PRO A 99 -17.29 -9.29 25.99
C PRO A 99 -18.69 -9.36 26.63
N GLY A 100 -19.58 -10.17 26.05
CA GLY A 100 -20.93 -10.40 26.56
C GLY A 100 -20.87 -11.03 27.94
N ALA A 101 -20.06 -12.11 28.08
CA ALA A 101 -19.83 -12.82 29.33
C ALA A 101 -19.04 -11.97 30.35
N ILE A 102 -18.20 -11.05 29.86
CA ILE A 102 -17.43 -10.16 30.73
C ILE A 102 -18.39 -9.13 31.34
N LEU A 103 -19.36 -8.66 30.54
CA LEU A 103 -20.36 -7.71 30.96
C LEU A 103 -21.23 -8.29 32.06
N GLN A 104 -21.66 -9.56 31.92
CA GLN A 104 -22.45 -10.26 32.92
C GLN A 104 -21.63 -10.58 34.17
N SER A 105 -20.30 -10.72 34.00
CA SER A 105 -19.38 -10.94 35.11
C SER A 105 -19.19 -9.65 35.92
N PHE A 106 -19.36 -8.48 35.26
CA PHE A 106 -19.22 -7.16 35.87
C PHE A 106 -20.38 -6.80 36.76
N PHE A 107 -21.62 -6.99 36.26
CA PHE A 107 -22.85 -6.71 36.99
C PHE A 107 -22.99 -7.56 38.27
N THR A 108 -22.43 -8.79 38.21
CA THR A 108 -22.41 -9.73 39.33
C THR A 108 -21.45 -9.22 40.41
N LYS A 109 -20.17 -8.95 40.03
CA LYS A 109 -19.18 -8.41 40.98
C LYS A 109 -19.67 -7.09 41.64
N MET A 110 -20.42 -6.23 40.90
CA MET A 110 -21.01 -5.02 41.48
C MET A 110 -22.55 -4.94 41.38
N ALA A 111 -23.24 -5.35 42.46
CA ALA A 111 -24.70 -5.37 42.56
C ALA A 111 -25.27 -4.28 43.50
N LYS A 112 -24.96 -4.34 44.81
CA LYS A 112 -25.43 -3.38 45.81
C LYS A 112 -24.41 -3.14 46.94
N ASP A 127 -28.06 -3.11 25.91
CA ASP A 127 -28.21 -2.10 26.96
C ASP A 127 -26.89 -1.25 27.08
N PHE A 128 -25.77 -1.90 27.44
CA PHE A 128 -24.47 -1.24 27.57
C PHE A 128 -23.44 -1.84 26.67
N VAL A 129 -22.31 -1.13 26.51
CA VAL A 129 -21.22 -1.58 25.65
C VAL A 129 -19.86 -1.19 26.19
N LEU A 130 -18.86 -2.06 25.98
CA LEU A 130 -17.49 -1.78 26.40
C LEU A 130 -16.77 -0.98 25.32
N ARG A 131 -16.37 0.25 25.64
CA ARG A 131 -15.58 1.08 24.71
C ARG A 131 -14.21 1.35 25.31
N VAL A 132 -13.15 1.23 24.48
CA VAL A 132 -11.77 1.54 24.89
C VAL A 132 -11.70 3.01 25.34
N CYS A 133 -11.16 3.24 26.53
CA CYS A 133 -11.00 4.57 27.06
C CYS A 133 -10.17 5.42 26.10
N GLY A 134 -10.73 6.59 25.76
CA GLY A 134 -10.10 7.59 24.90
C GLY A 134 -10.09 7.30 23.42
N ARG A 135 -10.80 6.26 22.98
CA ARG A 135 -10.84 5.86 21.57
C ARG A 135 -12.20 5.45 21.09
N ASP A 136 -12.47 5.63 19.79
CA ASP A 136 -13.68 5.09 19.20
C ASP A 136 -13.32 3.66 18.76
N GLU A 137 -13.24 2.75 19.74
CA GLU A 137 -12.94 1.34 19.56
C GLU A 137 -13.79 0.56 20.55
N TYR A 138 -14.53 -0.42 20.05
CA TYR A 138 -15.47 -1.19 20.84
C TYR A 138 -15.08 -2.64 20.92
N LEU A 139 -15.17 -3.18 22.14
CA LEU A 139 -14.92 -4.59 22.42
C LEU A 139 -16.29 -5.24 22.54
N VAL A 140 -16.84 -5.63 21.39
CA VAL A 140 -18.20 -6.19 21.22
C VAL A 140 -18.22 -7.30 20.15
N GLY A 141 -19.28 -8.10 20.19
CA GLY A 141 -19.49 -9.18 19.23
C GLY A 141 -19.15 -10.52 19.81
N GLU A 142 -19.47 -11.60 19.06
CA GLU A 142 -19.25 -12.98 19.50
C GLU A 142 -17.83 -13.42 19.15
N THR A 143 -16.86 -12.96 19.98
CA THR A 143 -15.45 -13.16 19.84
C THR A 143 -14.80 -13.23 21.22
N PRO A 144 -13.87 -14.17 21.49
CA PRO A 144 -13.13 -14.14 22.78
C PRO A 144 -12.29 -12.86 22.85
N ILE A 145 -12.14 -12.26 24.05
CA ILE A 145 -11.38 -11.01 24.18
C ILE A 145 -9.97 -11.09 23.66
N LYS A 146 -9.35 -12.28 23.69
CA LYS A 146 -7.98 -12.46 23.21
C LYS A 146 -7.85 -12.22 21.74
N ASN A 147 -9.00 -12.19 21.03
CA ASN A 147 -9.05 -12.00 19.58
C ASN A 147 -9.37 -10.57 19.16
N PHE A 148 -9.42 -9.64 20.10
CA PHE A 148 -9.59 -8.23 19.79
C PHE A 148 -8.22 -7.62 19.59
N GLN A 149 -8.06 -6.87 18.50
CA GLN A 149 -6.77 -6.28 18.19
C GLN A 149 -6.25 -5.34 19.27
N TRP A 150 -7.17 -4.62 19.94
CA TRP A 150 -6.75 -3.70 20.98
C TRP A 150 -6.18 -4.42 22.19
N VAL A 151 -6.79 -5.57 22.53
CA VAL A 151 -6.34 -6.41 23.64
C VAL A 151 -4.93 -6.92 23.32
N ARG A 152 -4.70 -7.37 22.07
CA ARG A 152 -3.40 -7.83 21.63
C ARG A 152 -2.38 -6.69 21.63
N HIS A 153 -2.81 -5.48 21.28
CA HIS A 153 -1.98 -4.29 21.29
C HIS A 153 -1.49 -4.03 22.73
N CYS A 154 -2.43 -4.07 23.69
CA CYS A 154 -2.16 -3.90 25.12
C CYS A 154 -1.25 -4.99 25.63
N LEU A 155 -1.57 -6.26 25.33
CA LEU A 155 -0.75 -7.41 25.71
C LEU A 155 0.68 -7.24 25.16
N LYS A 156 0.82 -6.94 23.88
CA LYS A 156 2.14 -6.77 23.28
C LYS A 156 2.97 -5.66 23.93
N ASN A 157 2.34 -4.49 24.20
CA ASN A 157 3.03 -3.31 24.70
C ASN A 157 3.09 -3.08 26.20
N GLY A 158 2.63 -4.06 26.96
CA GLY A 158 2.64 -4.04 28.42
C GLY A 158 1.70 -3.03 29.04
N GLU A 159 0.63 -2.66 28.31
CA GLU A 159 -0.38 -1.70 28.77
C GLU A 159 -1.59 -2.41 29.35
N GLU A 160 -2.23 -1.75 30.32
CA GLU A 160 -3.44 -2.21 30.97
C GLU A 160 -4.61 -1.95 30.02
N ILE A 161 -5.58 -2.88 29.97
CA ILE A 161 -6.78 -2.74 29.15
C ILE A 161 -7.79 -1.91 29.90
N HIS A 162 -7.99 -0.68 29.47
CA HIS A 162 -8.94 0.23 30.11
C HIS A 162 -10.17 0.44 29.24
N VAL A 163 -11.32 0.16 29.81
CA VAL A 163 -12.59 0.30 29.12
C VAL A 163 -13.63 1.13 29.89
N VAL A 164 -14.51 1.81 29.15
CA VAL A 164 -15.62 2.58 29.70
C VAL A 164 -16.93 1.89 29.33
N LEU A 165 -17.87 1.87 30.26
CA LEU A 165 -19.19 1.30 30.04
C LEU A 165 -20.04 2.42 29.48
N ASP A 166 -20.42 2.34 28.20
CA ASP A 166 -21.24 3.39 27.59
C ASP A 166 -22.33 2.88 26.67
N THR A 167 -23.12 3.82 26.13
CA THR A 167 -24.22 3.49 25.24
C THR A 167 -23.66 3.23 23.86
N PRO A 168 -24.10 2.14 23.20
CA PRO A 168 -23.67 1.89 21.81
C PRO A 168 -24.05 3.07 20.91
N PRO A 169 -23.24 3.36 19.87
CA PRO A 169 -23.59 4.46 18.95
C PRO A 169 -24.87 4.11 18.20
N ASP A 170 -25.70 5.12 17.99
CA ASP A 170 -26.98 4.96 17.32
C ASP A 170 -26.73 4.68 15.85
N PRO A 171 -27.19 3.49 15.35
CA PRO A 171 -27.06 3.18 13.92
C PRO A 171 -27.77 4.18 13.03
N ALA A 172 -28.73 4.95 13.58
CA ALA A 172 -29.43 6.00 12.83
C ALA A 172 -28.41 7.03 12.28
N LEU A 173 -27.26 7.20 12.94
CA LEU A 173 -26.25 8.16 12.51
C LEU A 173 -25.58 7.79 11.20
N ASP A 174 -25.68 6.50 10.81
CA ASP A 174 -25.10 5.94 9.57
C ASP A 174 -26.11 5.89 8.42
N GLU A 175 -27.21 6.64 8.54
CA GLU A 175 -28.27 6.70 7.53
C GLU A 175 -27.68 7.04 6.16
N VAL A 176 -28.10 6.27 5.14
CA VAL A 176 -27.65 6.48 3.78
C VAL A 176 -28.76 7.22 3.03
N ARG A 177 -28.37 8.34 2.39
CA ARG A 177 -29.25 9.15 1.57
C ARG A 177 -29.77 8.27 0.41
N LYS A 178 -31.05 8.40 0.10
CA LYS A 178 -31.74 7.64 -0.93
C LYS A 178 -31.27 8.07 -2.31
N GLU A 179 -30.84 7.09 -3.13
CA GLU A 179 -30.30 7.26 -4.49
C GLU A 179 -31.43 7.28 -5.48
N GLU A 180 -31.14 7.62 -6.77
CA GLU A 180 -32.15 7.65 -7.86
C GLU A 180 -31.60 7.18 -9.21
N CYS A 215 -15.75 -11.33 -38.50
CA CYS A 215 -14.82 -10.38 -39.09
C CYS A 215 -13.43 -10.97 -39.29
N ASP A 216 -13.18 -11.46 -40.51
CA ASP A 216 -11.90 -12.07 -40.89
C ASP A 216 -10.87 -11.10 -41.47
N ARG A 217 -11.23 -9.82 -41.63
CA ARG A 217 -10.29 -8.81 -42.11
C ARG A 217 -9.24 -8.49 -41.05
N LYS A 218 -8.03 -8.11 -41.50
CA LYS A 218 -6.95 -7.70 -40.60
C LYS A 218 -7.27 -6.33 -39.96
N PHE A 219 -6.89 -6.16 -38.71
CA PHE A 219 -7.08 -4.88 -38.05
C PHE A 219 -6.12 -3.81 -38.63
N ARG A 220 -6.57 -2.53 -38.70
CA ARG A 220 -5.73 -1.44 -39.16
C ARG A 220 -6.10 -0.11 -38.51
N VAL A 221 -5.13 0.80 -38.45
CA VAL A 221 -5.32 2.13 -37.87
C VAL A 221 -4.62 3.13 -38.74
N LYS A 222 -5.28 4.27 -38.96
CA LYS A 222 -4.65 5.34 -39.74
C LYS A 222 -4.07 6.36 -38.78
N ILE A 223 -2.76 6.62 -38.92
CA ILE A 223 -2.08 7.69 -38.18
C ILE A 223 -2.15 8.95 -39.09
N ARG A 224 -3.01 9.90 -38.72
CA ARG A 224 -3.13 11.14 -39.47
C ARG A 224 -1.90 12.03 -39.22
N GLY A 225 -1.64 12.31 -37.97
CA GLY A 225 -0.48 13.11 -37.59
C GLY A 225 -0.37 13.33 -36.10
N ILE A 226 0.63 14.12 -35.70
CA ILE A 226 0.91 14.53 -34.32
C ILE A 226 1.03 16.06 -34.23
N ASP A 227 0.60 16.63 -33.11
CA ASP A 227 0.60 18.07 -32.90
C ASP A 227 1.03 18.47 -31.49
N ILE A 228 1.90 19.46 -31.39
CA ILE A 228 2.36 20.01 -30.12
C ILE A 228 2.57 21.53 -30.30
N PRO A 229 2.09 22.38 -29.38
CA PRO A 229 2.19 23.83 -29.59
C PRO A 229 3.58 24.46 -29.66
N VAL A 230 4.50 24.01 -28.79
CA VAL A 230 5.85 24.56 -28.73
C VAL A 230 6.92 23.46 -28.65
N LEU A 231 7.99 23.59 -29.44
CA LEU A 231 9.04 22.56 -29.47
C LEU A 231 10.14 22.46 -28.39
N PRO A 232 10.91 23.53 -28.01
CA PRO A 232 12.00 23.35 -27.01
C PRO A 232 11.95 22.14 -26.06
N ARG A 233 12.58 21.02 -26.50
CA ARG A 233 12.63 19.76 -25.76
C ARG A 233 14.05 19.15 -25.69
N ASN A 234 15.06 20.00 -25.36
CA ASN A 234 16.50 19.69 -25.20
C ASN A 234 17.28 19.41 -26.51
N THR A 235 16.56 19.27 -27.66
CA THR A 235 17.14 18.94 -28.97
C THR A 235 16.34 19.52 -30.18
N ASP A 236 16.59 18.94 -31.39
CA ASP A 236 15.98 19.15 -32.71
C ASP A 236 16.28 17.85 -33.46
N LEU A 237 15.26 16.95 -33.62
CA LEU A 237 15.47 15.62 -34.18
C LEU A 237 14.45 15.04 -35.20
N THR A 238 14.40 13.70 -35.24
CA THR A 238 13.52 12.88 -36.09
C THR A 238 12.51 12.18 -35.18
N VAL A 239 11.30 11.97 -35.69
CA VAL A 239 10.25 11.33 -34.92
C VAL A 239 9.53 10.27 -35.74
N PHE A 240 9.09 9.19 -35.09
CA PHE A 240 8.22 8.20 -35.70
C PHE A 240 7.20 7.77 -34.65
N VAL A 241 6.10 7.20 -35.14
CA VAL A 241 5.03 6.67 -34.30
C VAL A 241 5.04 5.14 -34.35
N GLU A 242 4.99 4.51 -33.19
CA GLU A 242 4.90 3.07 -33.03
C GLU A 242 3.50 2.73 -32.52
N ALA A 243 2.84 1.76 -33.17
CA ALA A 243 1.51 1.35 -32.77
C ALA A 243 1.55 -0.12 -32.40
N ASN A 244 1.24 -0.41 -31.15
CA ASN A 244 1.27 -1.78 -30.60
C ASN A 244 -0.09 -2.22 -30.20
N ILE A 245 -0.38 -3.49 -30.45
CA ILE A 245 -1.59 -4.14 -29.95
C ILE A 245 -1.07 -4.91 -28.70
N GLN A 246 -1.51 -4.52 -27.49
CA GLN A 246 -1.03 -5.08 -26.21
C GLN A 246 -2.08 -5.74 -25.40
N HIS A 247 -1.72 -6.86 -24.75
CA HIS A 247 -2.57 -7.60 -23.83
C HIS A 247 -1.67 -8.18 -22.76
N GLY A 248 -1.86 -7.79 -21.50
CA GLY A 248 -1.08 -8.31 -20.38
C GLY A 248 0.37 -7.95 -20.47
N GLN A 249 0.65 -6.66 -20.88
CA GLN A 249 2.00 -6.09 -20.99
C GLN A 249 2.77 -6.67 -22.19
N GLN A 250 2.22 -7.72 -22.84
CA GLN A 250 2.84 -8.36 -23.98
C GLN A 250 2.33 -7.77 -25.32
N VAL A 251 3.26 -7.58 -26.29
CA VAL A 251 2.94 -7.03 -27.62
C VAL A 251 2.47 -8.12 -28.55
N LEU A 252 1.20 -8.09 -28.90
CA LEU A 252 0.60 -9.04 -29.83
C LEU A 252 1.02 -8.79 -31.29
N CYS A 253 1.09 -7.51 -31.68
CA CYS A 253 1.56 -7.06 -33.00
C CYS A 253 2.06 -5.64 -32.92
N GLN A 254 3.01 -5.28 -33.80
CA GLN A 254 3.62 -3.96 -33.83
C GLN A 254 3.82 -3.43 -35.25
N ARG A 255 3.43 -2.18 -35.47
CA ARG A 255 3.65 -1.47 -36.75
C ARG A 255 4.20 -0.10 -36.44
N ARG A 256 5.00 0.45 -37.36
CA ARG A 256 5.54 1.79 -37.16
C ARG A 256 5.47 2.67 -38.41
N THR A 257 5.44 3.97 -38.21
CA THR A 257 5.44 4.91 -39.33
C THR A 257 6.90 5.14 -39.72
N SER A 258 7.08 5.85 -40.84
CA SER A 258 8.39 6.26 -41.28
C SER A 258 8.86 7.41 -40.36
N PRO A 259 10.18 7.61 -40.22
CA PRO A 259 10.65 8.76 -39.43
C PRO A 259 10.56 10.07 -40.24
N LYS A 260 10.15 11.15 -39.57
CA LYS A 260 10.02 12.47 -40.18
C LYS A 260 10.64 13.54 -39.28
N PRO A 261 11.00 14.73 -39.82
CA PRO A 261 11.56 15.77 -38.94
C PRO A 261 10.57 16.16 -37.85
N PHE A 262 11.07 16.39 -36.65
CA PHE A 262 10.22 16.75 -35.53
C PHE A 262 9.87 18.26 -35.52
N THR A 263 8.68 18.59 -36.03
CA THR A 263 8.14 19.94 -36.02
C THR A 263 6.88 19.95 -35.15
N GLU A 264 6.29 21.15 -34.94
CA GLU A 264 5.06 21.34 -34.15
C GLU A 264 3.87 20.58 -34.72
N GLU A 265 3.89 20.30 -36.03
CA GLU A 265 2.92 19.45 -36.68
C GLU A 265 3.64 18.49 -37.63
N VAL A 266 3.45 17.17 -37.43
CA VAL A 266 4.01 16.13 -38.31
C VAL A 266 2.86 15.27 -38.84
N LEU A 267 2.74 15.14 -40.15
CA LEU A 267 1.64 14.38 -40.77
C LEU A 267 2.11 13.17 -41.51
N TRP A 268 1.29 12.10 -41.48
CA TRP A 268 1.55 10.85 -42.19
C TRP A 268 0.40 10.46 -43.11
N ASN A 269 -0.86 10.53 -42.61
CA ASN A 269 -2.09 10.06 -43.29
C ASN A 269 -1.90 8.60 -43.81
N VAL A 270 -1.28 7.74 -42.97
CA VAL A 270 -0.92 6.36 -43.32
C VAL A 270 -1.73 5.28 -42.65
N TRP A 271 -2.13 4.28 -43.45
CA TRP A 271 -2.78 3.11 -42.87
C TRP A 271 -1.69 2.16 -42.41
N LEU A 272 -1.70 1.82 -41.11
CA LEU A 272 -0.81 0.81 -40.53
C LEU A 272 -1.66 -0.43 -40.38
N GLU A 273 -1.38 -1.46 -41.19
CA GLU A 273 -2.12 -2.73 -41.16
C GLU A 273 -1.38 -3.78 -40.36
N PHE A 274 -2.06 -4.35 -39.36
CA PHE A 274 -1.50 -5.37 -38.48
C PHE A 274 -1.75 -6.76 -38.99
N SER A 275 -0.97 -7.73 -38.48
CA SER A 275 -1.10 -9.14 -38.83
C SER A 275 -2.32 -9.78 -38.13
N ILE A 276 -2.81 -9.19 -37.05
CA ILE A 276 -3.95 -9.72 -36.32
C ILE A 276 -5.27 -9.42 -37.01
N LYS A 277 -6.15 -10.43 -37.06
CA LYS A 277 -7.50 -10.32 -37.58
C LYS A 277 -8.40 -9.68 -36.53
N ILE A 278 -9.39 -8.94 -36.95
CA ILE A 278 -10.36 -8.30 -36.06
C ILE A 278 -10.95 -9.36 -35.13
N LYS A 279 -11.30 -10.54 -35.69
CA LYS A 279 -11.84 -11.69 -34.97
C LYS A 279 -10.99 -12.10 -33.76
N ASP A 280 -9.67 -11.90 -33.84
CA ASP A 280 -8.73 -12.35 -32.84
C ASP A 280 -8.35 -11.35 -31.76
N LEU A 281 -8.84 -10.11 -31.87
CA LEU A 281 -8.59 -9.08 -30.85
C LEU A 281 -9.28 -9.50 -29.55
N PRO A 282 -8.50 -9.68 -28.46
CA PRO A 282 -9.12 -10.07 -27.17
C PRO A 282 -9.68 -8.87 -26.41
N LYS A 283 -10.69 -9.13 -25.55
CA LYS A 283 -11.23 -8.06 -24.70
C LYS A 283 -10.12 -7.60 -23.77
N GLY A 284 -9.96 -6.30 -23.62
CA GLY A 284 -8.89 -5.76 -22.78
C GLY A 284 -7.60 -5.44 -23.50
N ALA A 285 -7.56 -5.71 -24.82
CA ALA A 285 -6.44 -5.36 -25.68
C ALA A 285 -6.40 -3.85 -25.80
N LEU A 286 -5.19 -3.30 -25.79
CA LEU A 286 -4.95 -1.87 -25.91
C LEU A 286 -4.27 -1.58 -27.21
N LEU A 287 -4.64 -0.46 -27.84
CA LEU A 287 -3.87 0.07 -28.95
C LEU A 287 -2.97 1.09 -28.26
N ASN A 288 -1.67 0.77 -28.20
CA ASN A 288 -0.68 1.60 -27.54
C ASN A 288 0.05 2.36 -28.58
N LEU A 289 0.03 3.68 -28.46
CA LEU A 289 0.63 4.61 -29.45
C LEU A 289 1.79 5.35 -28.82
N GLN A 290 2.98 5.20 -29.39
CA GLN A 290 4.17 5.80 -28.81
C GLN A 290 4.96 6.62 -29.79
N ILE A 291 5.52 7.73 -29.31
CA ILE A 291 6.33 8.60 -30.15
C ILE A 291 7.76 8.45 -29.72
N TYR A 292 8.60 8.03 -30.65
CA TYR A 292 10.03 7.88 -30.46
C TYR A 292 10.78 8.98 -31.17
N CYS A 293 11.79 9.53 -30.51
CA CYS A 293 12.57 10.64 -31.05
C CYS A 293 14.09 10.38 -31.17
N LEU A 318 11.96 6.86 -26.28
CA LEU A 318 10.51 7.06 -26.09
C LEU A 318 10.22 8.41 -25.46
N LEU A 319 9.36 9.22 -26.10
CA LEU A 319 9.05 10.55 -25.58
C LEU A 319 7.61 10.70 -25.08
N TYR A 320 6.65 10.11 -25.79
CA TYR A 320 5.22 10.25 -25.47
C TYR A 320 4.50 8.95 -25.68
N TYR A 321 3.39 8.75 -24.97
CA TYR A 321 2.58 7.54 -25.10
C TYR A 321 1.13 7.83 -24.77
N VAL A 322 0.23 7.01 -25.29
CA VAL A 322 -1.21 7.09 -25.03
C VAL A 322 -1.82 5.74 -25.44
N ASN A 323 -2.87 5.33 -24.75
CA ASN A 323 -3.52 4.06 -25.02
C ASN A 323 -4.98 4.25 -25.33
N LEU A 324 -5.49 3.33 -26.14
CA LEU A 324 -6.89 3.29 -26.50
C LEU A 324 -7.38 1.85 -26.41
N LEU A 325 -8.43 1.63 -25.61
CA LEU A 325 -9.03 0.28 -25.52
C LEU A 325 -9.70 -0.07 -26.85
N LEU A 326 -9.31 -1.19 -27.45
CA LEU A 326 -9.86 -1.58 -28.74
C LEU A 326 -11.28 -2.12 -28.67
N ILE A 327 -11.57 -2.89 -27.63
CA ILE A 327 -12.92 -3.36 -27.34
C ILE A 327 -13.38 -2.54 -26.13
N ASP A 328 -14.48 -1.83 -26.28
CA ASP A 328 -14.96 -0.99 -25.18
C ASP A 328 -15.74 -1.79 -24.13
N HIS A 329 -16.16 -1.09 -23.06
CA HIS A 329 -16.93 -1.61 -21.92
C HIS A 329 -18.29 -2.22 -22.33
N ARG A 330 -18.74 -1.96 -23.56
CA ARG A 330 -19.97 -2.54 -24.08
C ARG A 330 -19.68 -3.67 -25.08
N PHE A 331 -18.43 -4.15 -25.13
CA PHE A 331 -18.00 -5.23 -26.03
C PHE A 331 -17.99 -4.82 -27.51
N LEU A 332 -17.96 -3.52 -27.77
CA LEU A 332 -17.98 -3.01 -29.13
C LEU A 332 -16.59 -2.63 -29.56
N LEU A 333 -16.22 -2.93 -30.79
CA LEU A 333 -14.94 -2.51 -31.36
C LEU A 333 -14.95 -0.99 -31.58
N ARG A 334 -13.85 -0.32 -31.23
CA ARG A 334 -13.67 1.12 -31.37
C ARG A 334 -13.78 1.55 -32.81
N ARG A 335 -14.57 2.59 -33.09
CA ARG A 335 -14.71 3.11 -34.44
C ARG A 335 -14.60 4.61 -34.53
N GLY A 336 -14.07 5.06 -35.66
CA GLY A 336 -14.01 6.48 -35.98
C GLY A 336 -12.80 7.28 -35.58
N GLU A 337 -13.02 8.58 -35.49
CA GLU A 337 -12.04 9.63 -35.24
C GLU A 337 -11.68 9.78 -33.80
N TYR A 338 -10.36 9.83 -33.52
CA TYR A 338 -9.86 10.09 -32.20
C TYR A 338 -8.73 11.11 -32.24
N VAL A 339 -8.77 12.09 -31.33
CA VAL A 339 -7.68 13.06 -31.11
C VAL A 339 -7.31 12.81 -29.67
N LEU A 340 -6.15 12.20 -29.46
CA LEU A 340 -5.73 11.78 -28.16
C LEU A 340 -4.57 12.60 -27.65
N HIS A 341 -4.75 13.23 -26.48
CA HIS A 341 -3.68 13.98 -25.81
C HIS A 341 -2.83 13.02 -24.97
N MET A 342 -1.54 13.00 -25.30
CA MET A 342 -0.55 12.04 -24.83
C MET A 342 0.14 12.41 -23.57
N TRP A 343 0.76 11.41 -22.96
CA TRP A 343 1.55 11.55 -21.75
C TRP A 343 3.00 11.64 -22.14
N GLN A 344 3.77 12.54 -21.51
CA GLN A 344 5.19 12.63 -21.80
C GLN A 344 5.99 11.81 -20.80
N ILE A 345 7.03 11.13 -21.29
CA ILE A 345 7.96 10.41 -20.42
C ILE A 345 8.79 11.47 -19.70
N SER A 346 8.89 11.35 -18.37
CA SER A 346 9.69 12.20 -17.49
C SER A 346 11.18 11.83 -17.63
N GLY A 347 11.96 12.77 -18.15
CA GLY A 347 13.39 12.61 -18.41
C GLY A 347 13.97 13.76 -19.20
N PHE A 355 7.10 -2.04 -18.20
CA PHE A 355 7.72 -1.09 -17.29
C PHE A 355 6.84 -0.80 -16.07
N ASN A 356 6.29 0.44 -15.96
CA ASN A 356 5.43 0.94 -14.90
C ASN A 356 3.87 1.07 -15.19
N ALA A 357 3.08 1.11 -14.11
CA ALA A 357 1.61 1.18 -14.16
C ALA A 357 1.04 2.38 -14.94
N ASP A 358 1.71 3.53 -14.87
CA ASP A 358 1.26 4.71 -15.60
C ASP A 358 1.23 4.49 -17.13
N LYS A 359 2.16 3.68 -17.64
CA LYS A 359 2.23 3.40 -19.05
C LYS A 359 1.04 2.61 -19.60
N LEU A 360 0.24 2.05 -18.73
CA LEU A 360 -0.91 1.24 -19.10
C LEU A 360 -2.24 2.00 -19.17
N THR A 361 -2.28 3.24 -18.64
CA THR A 361 -3.54 3.97 -18.48
C THR A 361 -4.31 4.21 -19.76
N SER A 362 -5.64 4.13 -19.70
CA SER A 362 -6.54 4.43 -20.82
C SER A 362 -7.01 5.90 -20.72
N ALA A 363 -6.63 6.59 -19.60
CA ALA A 363 -6.90 8.00 -19.48
C ALA A 363 -6.06 8.77 -20.51
N THR A 364 -6.58 9.92 -20.97
CA THR A 364 -5.83 10.83 -21.81
C THR A 364 -5.39 12.01 -20.95
N ASN A 365 -4.33 12.67 -21.38
CA ASN A 365 -3.75 13.81 -20.67
C ASN A 365 -4.81 14.98 -20.58
N PRO A 366 -5.23 15.36 -19.36
CA PRO A 366 -6.24 16.44 -19.24
C PRO A 366 -5.77 17.83 -19.72
N ASP A 367 -4.45 18.00 -19.83
CA ASP A 367 -3.90 19.27 -20.28
C ASP A 367 -3.92 19.35 -21.82
N LYS A 368 -5.00 19.89 -22.38
CA LYS A 368 -5.18 19.99 -23.83
C LYS A 368 -4.37 21.11 -24.44
N GLU A 369 -3.85 22.03 -23.59
CA GLU A 369 -3.11 23.20 -24.04
C GLU A 369 -1.67 22.95 -24.34
N ASN A 370 -0.95 22.22 -23.50
CA ASN A 370 0.49 22.04 -23.69
C ASN A 370 0.95 20.63 -24.07
N SER A 371 0.05 19.65 -24.03
CA SER A 371 0.41 18.28 -24.37
C SER A 371 0.47 18.00 -25.87
N MET A 372 1.22 16.98 -26.22
CA MET A 372 1.32 16.42 -27.56
C MET A 372 0.02 15.67 -27.85
N SER A 373 -0.51 15.79 -29.04
CA SER A 373 -1.71 15.04 -29.41
C SER A 373 -1.44 14.17 -30.63
N ILE A 374 -2.18 13.07 -30.76
CA ILE A 374 -2.10 12.19 -31.91
C ILE A 374 -3.50 12.02 -32.51
N SER A 375 -3.61 12.17 -33.79
CA SER A 375 -4.89 12.08 -34.48
C SER A 375 -4.92 10.79 -35.27
N ILE A 376 -5.93 9.95 -35.00
CA ILE A 376 -6.07 8.64 -35.65
C ILE A 376 -7.47 8.43 -36.20
N LEU A 377 -7.55 7.46 -37.10
CA LEU A 377 -8.80 6.99 -37.63
C LEU A 377 -8.85 5.47 -37.55
N LEU A 378 -9.96 4.97 -37.01
CA LEU A 378 -10.27 3.56 -37.07
C LEU A 378 -11.45 3.39 -38.04
N ASP A 379 -11.49 2.32 -38.84
CA ASP A 379 -12.56 2.08 -39.81
C ASP A 379 -12.69 0.57 -40.04
N ASN A 380 -13.44 -0.14 -39.14
CA ASN A 380 -13.62 -1.61 -39.21
C ASN A 380 -15.08 -2.07 -39.43
N HIS A 383 -20.71 -4.49 -34.11
CA HIS A 383 -19.51 -5.29 -33.88
C HIS A 383 -19.57 -6.10 -32.58
N PRO A 384 -20.29 -7.25 -32.63
CA PRO A 384 -20.40 -8.09 -31.43
C PRO A 384 -19.15 -8.93 -31.20
N ILE A 385 -18.97 -9.39 -29.94
CA ILE A 385 -17.91 -10.25 -29.45
C ILE A 385 -18.08 -11.79 -29.76
N ALA A 386 -17.09 -12.40 -30.47
CA ALA A 386 -17.02 -13.85 -30.81
C ALA A 386 -16.15 -14.65 -29.81
N ARG A 402 -8.33 -37.34 -20.28
CA ARG A 402 -8.35 -38.41 -21.27
C ARG A 402 -6.98 -39.08 -21.41
N ALA A 403 -5.93 -38.29 -21.69
CA ALA A 403 -4.56 -38.82 -21.81
C ALA A 403 -3.82 -38.67 -20.48
N GLU A 404 -2.59 -39.23 -20.42
CA GLU A 404 -1.76 -39.09 -19.23
C GLU A 404 -0.33 -38.78 -19.63
N MET A 405 0.25 -37.77 -18.97
CA MET A 405 1.62 -37.35 -19.18
C MET A 405 2.58 -38.50 -18.94
N PRO A 406 3.61 -38.64 -19.80
CA PRO A 406 4.69 -39.60 -19.51
C PRO A 406 5.54 -39.04 -18.36
N ASN A 407 6.23 -39.91 -17.68
CA ASN A 407 7.03 -39.62 -16.50
C ASN A 407 7.97 -38.44 -16.63
N GLN A 408 8.89 -38.45 -17.58
CA GLN A 408 9.87 -37.37 -17.70
C GLN A 408 9.28 -36.01 -18.05
N LEU A 409 8.24 -36.00 -18.89
CA LEU A 409 7.60 -34.71 -19.24
C LEU A 409 6.92 -34.11 -18.01
N ARG A 410 6.32 -34.98 -17.17
CA ARG A 410 5.69 -34.56 -15.93
C ARG A 410 6.74 -33.95 -14.99
N LYS A 411 7.91 -34.59 -14.82
CA LYS A 411 9.00 -34.06 -13.98
C LYS A 411 9.41 -32.67 -14.48
N GLN A 412 9.51 -32.50 -15.80
CA GLN A 412 9.88 -31.24 -16.44
C GLN A 412 8.85 -30.15 -16.15
N LEU A 413 7.57 -30.51 -16.27
CA LEU A 413 6.46 -29.60 -16.01
C LEU A 413 6.45 -29.17 -14.55
N GLU A 414 6.59 -30.13 -13.63
CA GLU A 414 6.64 -29.88 -12.19
C GLU A 414 7.80 -28.94 -11.81
N ALA A 415 8.97 -29.12 -12.47
CA ALA A 415 10.13 -28.25 -12.26
C ALA A 415 9.85 -26.80 -12.72
N ILE A 416 9.15 -26.62 -13.88
CA ILE A 416 8.71 -25.28 -14.38
C ILE A 416 7.82 -24.61 -13.34
N ILE A 417 6.85 -25.35 -12.81
CA ILE A 417 5.90 -24.83 -11.84
C ILE A 417 6.56 -24.45 -10.51
N ALA A 418 7.64 -25.16 -10.13
CA ALA A 418 8.39 -24.94 -8.88
C ALA A 418 9.23 -23.67 -8.88
N THR A 419 9.53 -23.13 -10.06
CA THR A 419 10.35 -21.92 -10.21
C THR A 419 9.64 -20.63 -9.75
N ASP A 420 10.41 -19.60 -9.35
CA ASP A 420 9.86 -18.34 -8.83
C ASP A 420 9.11 -17.52 -9.90
N PRO A 421 8.29 -16.51 -9.48
CA PRO A 421 7.52 -15.73 -10.47
C PRO A 421 8.33 -14.97 -11.50
N LEU A 422 9.63 -14.73 -11.23
CA LEU A 422 10.51 -13.99 -12.12
C LEU A 422 11.29 -14.85 -13.11
N ASN A 423 11.26 -16.18 -12.94
CA ASN A 423 11.96 -17.05 -13.87
C ASN A 423 11.25 -17.03 -15.21
N PRO A 424 11.98 -16.60 -16.27
CA PRO A 424 11.32 -16.48 -17.58
C PRO A 424 10.91 -17.82 -18.16
N LEU A 425 9.79 -17.83 -18.89
CA LEU A 425 9.27 -18.99 -19.56
C LEU A 425 9.76 -19.00 -20.98
N THR A 426 10.37 -20.09 -21.38
CA THR A 426 10.84 -20.27 -22.74
C THR A 426 9.64 -20.69 -23.59
N ALA A 427 9.77 -20.62 -24.94
CA ALA A 427 8.76 -21.08 -25.89
C ALA A 427 8.40 -22.52 -25.59
N GLU A 428 9.40 -23.38 -25.27
CA GLU A 428 9.18 -24.79 -24.94
C GLU A 428 8.40 -24.93 -23.65
N ASP A 429 8.71 -24.12 -22.64
CA ASP A 429 8.03 -24.15 -21.35
C ASP A 429 6.56 -23.83 -21.53
N LYS A 430 6.27 -22.76 -22.27
CA LYS A 430 4.91 -22.31 -22.56
C LYS A 430 4.14 -23.36 -23.31
N GLU A 431 4.77 -24.00 -24.29
CA GLU A 431 4.14 -25.06 -25.08
C GLU A 431 3.77 -26.28 -24.25
N LEU A 432 4.62 -26.63 -23.26
CA LEU A 432 4.40 -27.77 -22.36
C LEU A 432 3.24 -27.45 -21.48
N LEU A 433 3.24 -26.24 -20.86
CA LEU A 433 2.17 -25.76 -20.00
C LEU A 433 0.84 -25.77 -20.76
N TRP A 434 0.83 -25.28 -22.01
CA TRP A 434 -0.38 -25.27 -22.79
C TRP A 434 -0.84 -26.67 -23.23
N HIS A 435 0.07 -27.46 -23.80
CA HIS A 435 -0.29 -28.79 -24.27
C HIS A 435 -0.87 -29.65 -23.16
N PHE A 436 -0.23 -29.64 -21.99
CA PHE A 436 -0.70 -30.38 -20.82
C PHE A 436 -1.38 -29.45 -19.83
N ARG A 437 -2.26 -28.58 -20.33
CA ARG A 437 -3.00 -27.62 -19.51
C ARG A 437 -3.90 -28.25 -18.49
N TYR A 438 -4.45 -29.41 -18.78
CA TYR A 438 -5.31 -30.13 -17.83
C TYR A 438 -4.56 -30.68 -16.65
N GLU A 439 -3.27 -31.00 -16.85
CA GLU A 439 -2.38 -31.39 -15.76
C GLU A 439 -1.92 -30.14 -14.99
N SER A 440 -1.59 -29.07 -15.70
CA SER A 440 -1.21 -27.79 -15.08
C SER A 440 -2.30 -27.27 -14.14
N LEU A 441 -3.59 -27.43 -14.52
CA LEU A 441 -4.75 -26.95 -13.77
C LEU A 441 -4.84 -27.61 -12.39
N LYS A 442 -4.23 -28.80 -12.23
CA LYS A 442 -4.23 -29.51 -10.97
C LYS A 442 -3.24 -28.89 -9.98
N HIS A 443 -2.49 -27.86 -10.42
CA HIS A 443 -1.48 -27.21 -9.60
C HIS A 443 -1.81 -25.72 -9.56
N PRO A 444 -2.50 -25.27 -8.48
CA PRO A 444 -2.79 -23.82 -8.35
C PRO A 444 -1.57 -22.91 -8.53
N LYS A 445 -0.39 -23.34 -8.07
CA LYS A 445 0.84 -22.57 -8.19
C LYS A 445 1.26 -22.37 -9.64
N ALA A 446 0.74 -23.22 -10.53
CA ALA A 446 1.02 -23.10 -11.96
C ALA A 446 0.19 -22.01 -12.66
N TYR A 447 -0.87 -21.52 -12.02
CA TYR A 447 -1.80 -20.62 -12.68
C TYR A 447 -1.21 -19.40 -13.35
N PRO A 448 -0.36 -18.61 -12.68
CA PRO A 448 0.26 -17.46 -13.38
C PRO A 448 1.09 -17.86 -14.59
N LYS A 449 1.85 -18.94 -14.49
CA LYS A 449 2.68 -19.40 -15.60
C LYS A 449 1.84 -19.96 -16.72
N LEU A 450 0.77 -20.68 -16.37
CA LEU A 450 -0.13 -21.24 -17.36
C LEU A 450 -0.85 -20.15 -18.12
N PHE A 451 -1.40 -19.16 -17.41
CA PHE A 451 -2.11 -18.08 -18.10
C PHE A 451 -1.23 -17.10 -18.90
N SER A 452 0.10 -17.21 -18.70
CA SER A 452 1.15 -16.52 -19.45
C SER A 452 1.58 -17.39 -20.65
N SER A 453 1.08 -18.60 -20.75
CA SER A 453 1.34 -19.52 -21.88
C SER A 453 0.20 -19.44 -22.90
N VAL A 454 -0.82 -18.60 -22.60
CA VAL A 454 -1.97 -18.47 -23.48
C VAL A 454 -1.65 -17.49 -24.59
N LYS A 455 -1.96 -17.86 -25.83
CA LYS A 455 -1.84 -17.00 -27.01
C LYS A 455 -3.15 -16.20 -27.01
N TRP A 456 -3.13 -15.07 -26.28
CA TRP A 456 -4.30 -14.19 -26.11
C TRP A 456 -4.79 -13.56 -27.43
N GLY A 457 -3.94 -13.53 -28.45
CA GLY A 457 -4.27 -13.01 -29.78
C GLY A 457 -4.82 -14.04 -30.74
N GLN A 458 -5.28 -15.21 -30.21
CA GLN A 458 -5.95 -16.26 -30.99
C GLN A 458 -7.29 -16.59 -30.36
N GLN A 459 -8.39 -16.27 -31.07
CA GLN A 459 -9.76 -16.47 -30.56
C GLN A 459 -10.02 -17.91 -30.09
N GLU A 460 -9.63 -18.91 -30.90
CA GLU A 460 -9.84 -20.32 -30.58
C GLU A 460 -9.12 -20.71 -29.29
N ILE A 461 -7.91 -20.16 -29.08
CA ILE A 461 -7.12 -20.43 -27.89
C ILE A 461 -7.76 -19.80 -26.66
N VAL A 462 -8.25 -18.58 -26.79
CA VAL A 462 -8.93 -17.89 -25.70
C VAL A 462 -10.16 -18.70 -25.33
N ALA A 463 -10.88 -19.16 -26.33
CA ALA A 463 -12.04 -20.01 -26.15
C ALA A 463 -11.62 -21.25 -25.33
N LYS A 464 -10.52 -21.92 -25.70
CA LYS A 464 -10.03 -23.10 -24.99
C LYS A 464 -9.69 -22.77 -23.55
N THR A 465 -9.18 -21.57 -23.31
CA THR A 465 -8.83 -21.09 -21.95
C THR A 465 -10.11 -20.92 -21.10
N TYR A 466 -11.17 -20.35 -21.69
CA TYR A 466 -12.43 -20.19 -20.99
C TYR A 466 -13.05 -21.55 -20.66
N GLN A 467 -12.88 -22.54 -21.53
CA GLN A 467 -13.32 -23.91 -21.32
C GLN A 467 -12.56 -24.50 -20.11
N LEU A 468 -11.24 -24.29 -20.09
CA LEU A 468 -10.32 -24.78 -19.06
C LEU A 468 -10.74 -24.28 -17.67
N LEU A 469 -11.08 -22.99 -17.56
CA LEU A 469 -11.50 -22.37 -16.29
C LEU A 469 -12.91 -22.71 -15.83
N ALA A 470 -13.70 -23.37 -16.68
CA ALA A 470 -15.03 -23.79 -16.28
C ALA A 470 -14.88 -25.01 -15.36
N ARG A 471 -13.74 -25.72 -15.46
CA ARG A 471 -13.43 -26.89 -14.63
C ARG A 471 -12.46 -26.47 -13.55
N ARG A 472 -12.92 -25.59 -12.66
CA ARG A 472 -12.09 -24.92 -11.66
C ARG A 472 -12.17 -25.52 -10.26
N GLU A 473 -12.54 -26.80 -10.14
CA GLU A 473 -12.65 -27.47 -8.84
C GLU A 473 -11.40 -27.40 -7.95
N VAL A 474 -10.23 -27.68 -8.51
CA VAL A 474 -8.96 -27.65 -7.78
C VAL A 474 -8.65 -26.25 -7.24
N TRP A 475 -8.79 -25.20 -8.09
CA TRP A 475 -8.56 -23.80 -7.73
C TRP A 475 -9.51 -23.37 -6.60
N ASP A 476 -10.82 -23.61 -6.78
CA ASP A 476 -11.87 -23.28 -5.81
C ASP A 476 -11.62 -23.95 -4.46
N GLN A 477 -11.25 -25.22 -4.46
CA GLN A 477 -11.01 -25.96 -3.21
C GLN A 477 -9.67 -25.68 -2.55
N SER A 478 -8.68 -25.18 -3.31
CA SER A 478 -7.35 -24.85 -2.77
C SER A 478 -7.40 -23.77 -1.67
N ALA A 479 -6.43 -23.82 -0.74
CA ALA A 479 -6.32 -22.84 0.33
C ALA A 479 -5.85 -21.50 -0.24
N LEU A 480 -6.47 -20.40 0.26
CA LEU A 480 -6.10 -19.04 -0.17
C LEU A 480 -4.61 -18.78 0.04
N ASP A 481 -3.92 -18.40 -1.04
CA ASP A 481 -2.51 -18.02 -1.05
C ASP A 481 -2.55 -16.63 -1.67
N VAL A 482 -2.42 -15.60 -0.83
CA VAL A 482 -2.53 -14.20 -1.26
C VAL A 482 -1.47 -13.85 -2.30
N GLY A 483 -0.25 -14.36 -2.12
CA GLY A 483 0.82 -14.15 -3.08
C GLY A 483 0.48 -14.63 -4.48
N LEU A 484 -0.03 -15.87 -4.54
CA LEU A 484 -0.47 -16.48 -5.78
C LEU A 484 -1.64 -15.69 -6.39
N THR A 485 -2.57 -15.26 -5.56
CA THR A 485 -3.70 -14.44 -5.99
C THR A 485 -3.24 -13.06 -6.53
N MET A 486 -2.32 -12.38 -5.83
CA MET A 486 -1.80 -11.08 -6.26
C MET A 486 -1.07 -11.17 -7.64
N GLN A 487 -0.42 -12.32 -7.92
CA GLN A 487 0.26 -12.52 -9.21
C GLN A 487 -0.70 -12.44 -10.38
N LEU A 488 -1.98 -12.84 -10.16
CA LEU A 488 -3.01 -12.81 -11.20
C LEU A 488 -3.64 -11.43 -11.38
N LEU A 489 -3.30 -10.47 -10.51
CA LEU A 489 -3.86 -9.13 -10.55
C LEU A 489 -2.85 -8.07 -10.95
N ASP A 490 -1.64 -8.49 -11.37
CA ASP A 490 -0.61 -7.56 -11.79
C ASP A 490 -0.71 -7.20 -13.28
N CYS A 491 0.35 -6.55 -13.82
CA CYS A 491 0.35 -6.08 -15.20
C CYS A 491 0.37 -7.20 -16.26
N ASN A 492 0.62 -8.42 -15.85
CA ASN A 492 0.80 -9.55 -16.77
C ASN A 492 -0.47 -10.18 -17.26
N PHE A 493 -1.60 -9.81 -16.65
CA PHE A 493 -2.89 -10.39 -16.98
C PHE A 493 -3.91 -9.32 -17.28
N SER A 494 -4.46 -9.35 -18.47
CA SER A 494 -5.43 -8.36 -18.91
C SER A 494 -6.83 -9.02 -19.15
N ASP A 495 -6.90 -10.36 -19.01
CA ASP A 495 -8.16 -11.07 -19.18
C ASP A 495 -9.04 -10.98 -17.97
N GLU A 496 -10.28 -10.53 -18.17
CA GLU A 496 -11.28 -10.35 -17.11
C GLU A 496 -11.53 -11.64 -16.34
N ASN A 497 -11.68 -12.76 -17.03
CA ASN A 497 -11.99 -14.03 -16.40
C ASN A 497 -10.87 -14.57 -15.53
N VAL A 498 -9.62 -14.40 -15.98
CA VAL A 498 -8.45 -14.78 -15.20
C VAL A 498 -8.39 -13.92 -13.91
N ARG A 499 -8.55 -12.59 -14.07
CA ARG A 499 -8.48 -11.67 -12.93
C ARG A 499 -9.60 -11.89 -11.93
N ALA A 500 -10.79 -12.20 -12.42
CA ALA A 500 -11.97 -12.48 -11.60
C ALA A 500 -11.79 -13.72 -10.71
N ILE A 501 -11.09 -14.76 -11.20
CA ILE A 501 -10.88 -15.97 -10.37
C ILE A 501 -9.94 -15.66 -9.22
N ALA A 502 -9.02 -14.70 -9.44
CA ALA A 502 -8.14 -14.20 -8.39
C ALA A 502 -8.98 -13.42 -7.36
N VAL A 503 -9.88 -12.57 -7.81
CA VAL A 503 -10.74 -11.82 -6.88
C VAL A 503 -11.68 -12.72 -6.08
N GLN A 504 -12.16 -13.78 -6.73
CA GLN A 504 -13.04 -14.79 -6.12
C GLN A 504 -12.34 -15.34 -4.83
N LYS A 505 -11.03 -15.62 -4.96
CA LYS A 505 -10.21 -16.15 -3.89
C LYS A 505 -10.06 -15.14 -2.72
N LEU A 506 -9.97 -13.85 -3.05
CA LEU A 506 -9.85 -12.77 -2.08
C LEU A 506 -11.10 -12.64 -1.21
N GLU A 507 -12.25 -13.11 -1.69
CA GLU A 507 -13.52 -13.01 -0.95
C GLU A 507 -13.44 -13.67 0.42
N SER A 508 -12.59 -14.69 0.57
CA SER A 508 -12.42 -15.43 1.81
C SER A 508 -11.56 -14.70 2.86
N LEU A 509 -10.82 -13.65 2.45
CA LEU A 509 -10.01 -12.85 3.40
C LEU A 509 -10.90 -12.26 4.54
N GLU A 510 -10.45 -12.33 5.77
CA GLU A 510 -11.18 -11.66 6.85
C GLU A 510 -10.74 -10.18 6.85
N ASP A 511 -11.48 -9.31 7.54
CA ASP A 511 -11.23 -7.87 7.62
C ASP A 511 -9.81 -7.48 7.99
N ASP A 512 -9.26 -8.13 9.01
CA ASP A 512 -7.89 -7.87 9.45
C ASP A 512 -6.91 -8.10 8.31
N ASP A 513 -7.13 -9.14 7.49
CA ASP A 513 -6.30 -9.48 6.33
C ASP A 513 -6.53 -8.53 5.16
N VAL A 514 -7.80 -8.10 4.94
CA VAL A 514 -8.06 -7.11 3.90
C VAL A 514 -7.25 -5.84 4.22
N LEU A 515 -7.21 -5.41 5.49
CA LEU A 515 -6.43 -4.25 5.93
C LEU A 515 -4.96 -4.42 5.64
N HIS A 516 -4.41 -5.60 5.83
CA HIS A 516 -3.02 -5.86 5.53
C HIS A 516 -2.65 -5.66 4.08
N TYR A 517 -3.56 -5.95 3.19
CA TYR A 517 -3.31 -5.90 1.76
C TYR A 517 -4.00 -4.78 1.05
N LEU A 518 -4.82 -3.99 1.75
CA LEU A 518 -5.61 -2.92 1.17
C LEU A 518 -4.88 -1.97 0.28
N LEU A 519 -3.75 -1.42 0.73
CA LEU A 519 -3.01 -0.43 -0.09
C LEU A 519 -2.59 -1.01 -1.45
N GLN A 520 -1.99 -2.21 -1.46
CA GLN A 520 -1.57 -2.84 -2.70
C GLN A 520 -2.70 -3.37 -3.56
N LEU A 521 -3.85 -3.73 -2.94
CA LEU A 521 -5.07 -4.05 -3.69
C LEU A 521 -5.61 -2.76 -4.36
N VAL A 522 -5.57 -1.61 -3.69
CA VAL A 522 -5.99 -0.33 -4.31
C VAL A 522 -5.04 -0.01 -5.48
N GLN A 523 -3.72 -0.11 -5.26
CA GLN A 523 -2.77 0.14 -6.32
C GLN A 523 -2.98 -0.83 -7.51
N ALA A 524 -3.36 -2.10 -7.25
CA ALA A 524 -3.62 -3.13 -8.29
C ALA A 524 -4.80 -2.74 -9.22
N VAL A 525 -5.64 -1.80 -8.79
CA VAL A 525 -6.72 -1.25 -9.64
C VAL A 525 -6.14 -0.61 -10.91
N LYS A 526 -4.91 -0.09 -10.82
CA LYS A 526 -4.16 0.48 -11.95
C LYS A 526 -3.89 -0.52 -13.09
N PHE A 527 -3.83 -1.79 -12.79
CA PHE A 527 -3.59 -2.83 -13.78
C PHE A 527 -4.88 -3.33 -14.40
N GLU A 528 -6.01 -2.82 -13.96
CA GLU A 528 -7.25 -3.22 -14.59
C GLU A 528 -7.43 -2.52 -15.96
N PRO A 529 -7.74 -3.30 -17.04
CA PRO A 529 -8.10 -2.65 -18.32
C PRO A 529 -9.38 -1.79 -18.27
N TYR A 530 -10.39 -2.19 -17.49
CA TYR A 530 -11.67 -1.41 -17.42
C TYR A 530 -11.89 -0.77 -16.04
N HIS A 531 -12.64 0.35 -15.99
CA HIS A 531 -12.92 1.06 -14.73
C HIS A 531 -13.76 0.20 -13.79
N ASP A 532 -14.70 -0.56 -14.36
CA ASP A 532 -15.58 -1.42 -13.59
C ASP A 532 -14.96 -2.79 -13.65
N SER A 533 -14.53 -3.28 -12.50
CA SER A 533 -13.87 -4.55 -12.45
C SER A 533 -14.28 -5.26 -11.20
N ALA A 534 -14.07 -6.60 -11.20
CA ALA A 534 -14.31 -7.41 -10.01
C ALA A 534 -13.45 -6.90 -8.83
N LEU A 535 -12.22 -6.41 -9.11
CA LEU A 535 -11.34 -5.88 -8.04
C LEU A 535 -11.90 -4.60 -7.46
N ALA A 536 -12.32 -3.67 -8.31
CA ALA A 536 -12.90 -2.41 -7.85
C ALA A 536 -14.17 -2.68 -7.04
N ARG A 537 -14.99 -3.65 -7.46
CA ARG A 537 -16.21 -3.98 -6.75
C ARG A 537 -15.93 -4.66 -5.45
N PHE A 538 -14.87 -5.43 -5.39
CA PHE A 538 -14.44 -6.09 -4.15
C PHE A 538 -14.03 -5.06 -3.12
N LEU A 539 -13.22 -4.06 -3.53
CA LEU A 539 -12.78 -3.01 -2.63
C LEU A 539 -13.98 -2.23 -2.12
N LEU A 540 -14.91 -1.88 -3.02
CA LEU A 540 -16.12 -1.13 -2.68
C LEU A 540 -16.89 -1.87 -1.59
N LYS A 541 -17.13 -3.17 -1.79
CA LYS A 541 -17.91 -4.00 -0.85
C LYS A 541 -17.25 -4.09 0.51
N ARG A 542 -15.96 -4.39 0.56
CA ARG A 542 -15.25 -4.52 1.83
C ARG A 542 -15.17 -3.20 2.62
N GLY A 543 -15.09 -2.09 1.89
CA GLY A 543 -15.07 -0.75 2.46
C GLY A 543 -16.38 -0.40 3.09
N LEU A 544 -17.47 -0.75 2.40
CA LEU A 544 -18.82 -0.50 2.89
C LEU A 544 -19.23 -1.46 4.01
N ARG A 545 -18.60 -2.61 4.06
CA ARG A 545 -18.91 -3.61 5.08
C ARG A 545 -18.24 -3.29 6.43
N ASN A 546 -17.07 -2.62 6.38
CA ASN A 546 -16.31 -2.31 7.60
C ASN A 546 -15.78 -0.87 7.63
N LYS A 547 -16.12 -0.12 8.65
CA LYS A 547 -15.70 1.29 8.82
C LYS A 547 -14.20 1.52 8.76
N ARG A 548 -13.40 0.62 9.36
CA ARG A 548 -11.95 0.78 9.37
C ARG A 548 -11.39 0.64 7.97
N ILE A 549 -11.82 -0.41 7.23
CA ILE A 549 -11.45 -0.61 5.85
C ILE A 549 -11.92 0.59 5.00
N GLY A 550 -13.16 1.02 5.20
CA GLY A 550 -13.72 2.16 4.50
C GLY A 550 -12.92 3.44 4.72
N HIS A 551 -12.48 3.69 5.94
CA HIS A 551 -11.68 4.87 6.29
C HIS A 551 -10.36 4.87 5.51
N PHE A 552 -9.62 3.75 5.59
CA PHE A 552 -8.38 3.67 4.83
C PHE A 552 -8.57 3.68 3.32
N LEU A 553 -9.66 3.05 2.83
CA LEU A 553 -9.96 3.07 1.41
C LEU A 553 -10.11 4.52 0.96
N PHE A 554 -10.83 5.34 1.73
CA PHE A 554 -10.97 6.77 1.43
C PHE A 554 -9.60 7.43 1.17
N TRP A 555 -8.71 7.36 2.14
CA TRP A 555 -7.41 7.98 2.11
C TRP A 555 -6.50 7.44 1.07
N PHE A 556 -6.50 6.14 0.86
CA PHE A 556 -5.65 5.51 -0.20
C PHE A 556 -6.11 5.96 -1.58
N LEU A 557 -7.44 5.94 -1.83
CA LEU A 557 -8.00 6.44 -3.08
C LEU A 557 -7.73 7.91 -3.23
N ARG A 558 -8.01 8.72 -2.19
CA ARG A 558 -7.82 10.19 -2.22
C ARG A 558 -6.38 10.56 -2.55
N SER A 559 -5.43 9.82 -2.03
CA SER A 559 -3.99 10.05 -2.25
C SER A 559 -3.64 10.03 -3.74
N GLU A 560 -4.18 9.03 -4.47
CA GLU A 560 -4.01 8.89 -5.89
C GLU A 560 -4.82 9.91 -6.68
N ILE A 561 -6.07 10.22 -6.24
CA ILE A 561 -6.90 11.20 -6.96
C ILE A 561 -6.26 12.58 -6.91
N ALA A 562 -5.53 12.87 -5.82
CA ALA A 562 -4.92 14.19 -5.63
C ALA A 562 -3.71 14.42 -6.50
N GLN A 563 -3.02 13.37 -6.92
CA GLN A 563 -1.77 13.58 -7.64
C GLN A 563 -1.49 12.67 -8.85
N SER A 564 -2.36 11.74 -9.16
CA SER A 564 -2.17 10.90 -10.33
C SER A 564 -3.08 11.36 -11.44
N ARG A 565 -2.56 12.08 -12.45
CA ARG A 565 -3.40 12.42 -13.60
C ARG A 565 -3.85 11.13 -14.36
N HIS A 566 -3.00 10.09 -14.32
CA HIS A 566 -3.20 8.82 -15.03
C HIS A 566 -4.37 8.02 -14.55
N TYR A 567 -4.67 8.12 -13.23
CA TYR A 567 -5.68 7.27 -12.61
C TYR A 567 -6.71 7.98 -11.77
N GLN A 568 -6.57 9.28 -11.59
CA GLN A 568 -7.53 10.04 -10.81
C GLN A 568 -9.00 9.86 -11.22
N GLN A 569 -9.29 9.83 -12.54
CA GLN A 569 -10.68 9.70 -13.03
C GLN A 569 -11.30 8.36 -12.58
N ARG A 570 -10.57 7.26 -12.78
CA ARG A 570 -10.99 5.92 -12.37
C ARG A 570 -11.17 5.83 -10.85
N PHE A 571 -10.16 6.27 -10.09
CA PHE A 571 -10.18 6.23 -8.63
C PHE A 571 -11.26 7.14 -8.04
N ALA A 572 -11.59 8.25 -8.72
CA ALA A 572 -12.65 9.16 -8.29
C ALA A 572 -14.05 8.53 -8.36
N VAL A 573 -14.31 7.73 -9.37
CA VAL A 573 -15.60 7.03 -9.54
C VAL A 573 -15.73 5.93 -8.46
N ILE A 574 -14.63 5.26 -8.12
CA ILE A 574 -14.65 4.25 -7.06
C ILE A 574 -14.89 4.93 -5.71
N LEU A 575 -14.21 6.06 -5.48
CA LEU A 575 -14.40 6.80 -4.24
C LEU A 575 -15.80 7.33 -4.08
N GLU A 576 -16.39 7.87 -5.17
CA GLU A 576 -17.78 8.37 -5.14
C GLU A 576 -18.72 7.25 -4.75
N ALA A 577 -18.53 6.08 -5.37
CA ALA A 577 -19.37 4.90 -5.09
C ALA A 577 -19.32 4.55 -3.61
N TYR A 578 -18.13 4.59 -2.99
CA TYR A 578 -17.96 4.33 -1.57
C TYR A 578 -18.68 5.38 -0.70
N LEU A 579 -18.45 6.67 -1.00
CA LEU A 579 -19.03 7.78 -0.27
C LEU A 579 -20.57 7.80 -0.29
N ARG A 580 -21.17 7.21 -1.34
CA ARG A 580 -22.62 7.11 -1.50
C ARG A 580 -23.24 5.99 -0.68
N GLY A 581 -22.40 5.22 0.02
CA GLY A 581 -22.84 4.15 0.90
C GLY A 581 -22.28 4.09 2.33
N CYS A 582 -21.26 4.90 2.66
CA CYS A 582 -20.62 4.84 4.00
C CYS A 582 -21.50 5.30 5.16
N GLY A 583 -22.50 6.14 4.85
CA GLY A 583 -23.45 6.71 5.82
C GLY A 583 -23.10 8.15 6.15
N THR A 584 -24.07 8.92 6.67
CA THR A 584 -23.83 10.35 6.95
C THR A 584 -22.81 10.68 8.04
N ALA A 585 -22.73 9.84 9.09
CA ALA A 585 -21.73 10.04 10.15
C ALA A 585 -20.32 10.03 9.57
N MET A 586 -20.06 9.06 8.66
CA MET A 586 -18.75 8.92 8.02
C MET A 586 -18.48 10.06 7.09
N LEU A 587 -19.49 10.50 6.34
CA LEU A 587 -19.39 11.65 5.44
C LEU A 587 -19.01 12.92 6.21
N HIS A 588 -19.65 13.13 7.39
CA HIS A 588 -19.39 14.23 8.30
C HIS A 588 -17.94 14.15 8.81
N ASP A 589 -17.50 12.94 9.19
CA ASP A 589 -16.14 12.70 9.67
C ASP A 589 -15.08 13.03 8.64
N PHE A 590 -15.25 12.53 7.40
CA PHE A 590 -14.31 12.82 6.32
C PHE A 590 -14.24 14.31 6.02
N THR A 591 -15.41 14.98 6.02
CA THR A 591 -15.50 16.43 5.79
C THR A 591 -14.57 17.15 6.77
N GLN A 592 -14.65 16.83 8.07
CA GLN A 592 -13.80 17.43 9.11
C GLN A 592 -12.32 17.17 8.89
N GLN A 593 -11.97 15.94 8.55
CA GLN A 593 -10.59 15.57 8.30
C GLN A 593 -10.03 16.35 7.10
N VAL A 594 -10.79 16.40 6.00
CA VAL A 594 -10.37 17.08 4.77
C VAL A 594 -10.17 18.57 5.04
N GLN A 595 -11.09 19.18 5.78
CA GLN A 595 -11.02 20.60 6.16
C GLN A 595 -9.73 20.90 6.92
N VAL A 596 -9.45 20.11 7.96
CA VAL A 596 -8.22 20.21 8.74
C VAL A 596 -6.95 20.04 7.87
N ILE A 597 -6.90 18.97 7.09
CA ILE A 597 -5.69 18.70 6.28
C ILE A 597 -5.41 19.79 5.24
N GLU A 598 -6.46 20.30 4.57
CA GLU A 598 -6.31 21.34 3.57
C GLU A 598 -5.69 22.61 4.20
N MET A 599 -6.21 23.02 5.38
CA MET A 599 -5.72 24.19 6.13
C MET A 599 -4.27 24.02 6.61
N LEU A 600 -3.95 22.84 7.15
CA LEU A 600 -2.61 22.57 7.65
C LEU A 600 -1.58 22.46 6.52
N GLN A 601 -2.01 21.98 5.34
CA GLN A 601 -1.18 21.91 4.14
C GLN A 601 -0.78 23.33 3.69
N LYS A 602 -1.73 24.28 3.80
CA LYS A 602 -1.52 25.66 3.45
C LYS A 602 -0.42 26.26 4.35
N VAL A 603 -0.56 26.09 5.67
CA VAL A 603 0.42 26.55 6.66
C VAL A 603 1.81 25.94 6.38
N THR A 604 1.85 24.65 6.05
CA THR A 604 3.09 23.92 5.72
C THR A 604 3.83 24.62 4.59
N LEU A 605 3.15 24.80 3.45
CA LEU A 605 3.73 25.50 2.29
C LEU A 605 4.10 26.97 2.59
N ASP A 606 3.21 27.71 3.27
CA ASP A 606 3.48 29.11 3.68
C ASP A 606 4.75 29.25 4.51
N ILE A 607 4.88 28.45 5.59
CA ILE A 607 6.08 28.44 6.43
C ILE A 607 7.31 28.02 5.62
N LYS A 608 7.12 27.12 4.66
CA LYS A 608 8.19 26.64 3.77
C LYS A 608 8.80 27.80 2.98
N SER A 609 7.93 28.70 2.47
CA SER A 609 8.34 29.91 1.71
C SER A 609 9.25 30.77 2.57
N LEU A 610 8.86 31.00 3.82
CA LEU A 610 9.65 31.76 4.77
C LEU A 610 10.84 30.93 5.25
N ILE A 622 9.63 30.68 13.88
CA ILE A 622 8.79 30.12 14.95
C ILE A 622 7.65 31.07 15.33
N SER A 623 7.95 32.36 15.49
CA SER A 623 6.95 33.38 15.81
C SER A 623 5.84 33.43 14.76
N GLN A 624 6.23 33.38 13.47
CA GLN A 624 5.29 33.40 12.36
C GLN A 624 4.42 32.14 12.34
N LEU A 625 4.99 30.96 12.67
CA LEU A 625 4.21 29.71 12.72
C LEU A 625 3.11 29.85 13.75
N LYS A 626 3.47 30.28 14.96
CA LYS A 626 2.55 30.43 16.07
C LYS A 626 1.42 31.42 15.78
N GLN A 627 1.71 32.52 15.05
CA GLN A 627 0.69 33.48 14.64
C GLN A 627 -0.29 32.83 13.65
N LYS A 628 0.24 32.10 12.64
CA LYS A 628 -0.60 31.44 11.64
C LYS A 628 -1.51 30.40 12.28
N LEU A 629 -1.00 29.68 13.29
CA LEU A 629 -1.76 28.66 14.01
C LEU A 629 -2.87 29.23 14.89
N GLU A 630 -2.61 30.36 15.59
CA GLU A 630 -3.63 31.06 16.39
C GLU A 630 -4.77 31.49 15.46
N ASN A 631 -4.43 32.07 14.28
CA ASN A 631 -5.39 32.47 13.26
C ASN A 631 -6.29 31.31 12.84
N LEU A 632 -5.72 30.08 12.69
CA LEU A 632 -6.47 28.87 12.33
C LEU A 632 -7.37 28.47 13.49
N GLN A 633 -6.81 28.45 14.71
CA GLN A 633 -7.50 28.10 15.96
C GLN A 633 -8.67 29.06 16.22
N ASN A 634 -8.62 30.24 15.58
CA ASN A 634 -9.62 31.27 15.75
C ASN A 634 -10.92 31.09 14.96
N SER A 635 -10.86 31.15 13.62
CA SER A 635 -12.08 31.14 12.82
C SER A 635 -12.17 30.12 11.69
N GLN A 636 -11.36 29.06 11.74
CA GLN A 636 -11.38 28.05 10.67
C GLN A 636 -11.43 26.60 11.15
N LEU A 637 -10.39 26.19 11.90
CA LEU A 637 -10.19 24.83 12.38
C LEU A 637 -11.39 24.29 13.18
N PRO A 638 -11.98 23.16 12.72
CA PRO A 638 -13.11 22.56 13.47
C PRO A 638 -12.65 22.02 14.83
N GLU A 639 -13.60 21.81 15.76
CA GLU A 639 -13.35 21.37 17.14
C GLU A 639 -12.51 20.10 17.29
N SER A 640 -12.76 19.12 16.42
CA SER A 640 -12.08 17.84 16.46
C SER A 640 -12.12 17.13 15.11
N PHE A 641 -11.23 16.17 14.93
CA PHE A 641 -11.14 15.38 13.71
C PHE A 641 -10.48 14.06 14.01
N ARG A 642 -10.85 13.02 13.26
CA ARG A 642 -10.26 11.71 13.38
C ARG A 642 -8.87 11.76 12.75
N VAL A 643 -7.89 11.20 13.44
CA VAL A 643 -6.53 11.15 12.92
C VAL A 643 -6.52 10.19 11.74
N PRO A 644 -6.17 10.67 10.53
CA PRO A 644 -6.29 9.80 9.33
C PRO A 644 -5.52 8.51 9.37
N TYR A 645 -4.35 8.48 10.05
CA TYR A 645 -3.53 7.29 10.08
C TYR A 645 -3.93 6.40 11.28
N ASP A 646 -4.84 6.89 12.12
CA ASP A 646 -5.32 6.17 13.34
C ASP A 646 -6.75 6.64 13.67
N PRO A 647 -7.73 6.14 12.89
CA PRO A 647 -9.09 6.68 13.01
C PRO A 647 -9.81 6.48 14.31
N GLY A 648 -9.26 5.63 15.18
CA GLY A 648 -9.81 5.44 16.51
C GLY A 648 -9.59 6.64 17.42
N LEU A 649 -8.59 7.49 17.08
CA LEU A 649 -8.19 8.68 17.83
C LEU A 649 -8.77 9.92 17.26
N LYS A 650 -9.31 10.75 18.17
CA LYS A 650 -9.84 12.05 17.81
C LYS A 650 -9.02 13.14 18.42
N ALA A 651 -8.46 13.98 17.53
CA ALA A 651 -7.64 15.11 17.91
C ALA A 651 -8.53 16.32 18.14
N GLY A 652 -8.24 17.08 19.18
CA GLY A 652 -8.95 18.31 19.49
C GLY A 652 -8.12 19.50 19.10
N ALA A 653 -8.06 20.47 19.99
CA ALA A 653 -7.36 21.73 19.82
C ALA A 653 -5.84 21.58 19.67
N LEU A 654 -5.25 22.42 18.84
CA LEU A 654 -3.80 22.49 18.71
C LEU A 654 -3.18 22.98 20.05
N ALA A 655 -2.09 22.36 20.47
CA ALA A 655 -1.30 22.79 21.62
C ALA A 655 -0.24 23.70 21.01
N ILE A 656 -0.59 24.97 20.75
CA ILE A 656 0.28 25.95 20.08
C ILE A 656 1.70 25.99 20.63
N GLU A 657 1.85 26.01 21.94
CA GLU A 657 3.14 26.06 22.64
C GLU A 657 4.08 24.94 22.23
N LYS A 658 3.53 23.77 21.86
CA LYS A 658 4.33 22.60 21.51
C LYS A 658 4.62 22.45 20.03
N CYS A 659 4.00 23.29 19.19
CA CYS A 659 4.20 23.28 17.76
C CYS A 659 5.50 23.96 17.36
N LYS A 660 6.16 23.45 16.31
CA LYS A 660 7.40 24.02 15.79
C LYS A 660 7.72 23.62 14.37
N VAL A 661 8.69 24.29 13.78
CA VAL A 661 9.23 23.98 12.47
C VAL A 661 10.49 23.19 12.76
N MET A 662 10.60 22.02 12.12
CA MET A 662 11.75 21.14 12.33
C MET A 662 12.99 21.70 11.66
N ALA A 663 14.14 21.51 12.31
CA ALA A 663 15.42 22.03 11.83
C ALA A 663 15.98 21.13 10.73
N SER A 664 15.21 21.00 9.66
CA SER A 664 15.59 20.22 8.50
C SER A 664 15.50 21.08 7.26
N LYS A 665 16.13 20.65 6.16
CA LYS A 665 16.16 21.35 4.87
C LYS A 665 14.77 21.41 4.23
N LYS A 666 13.89 20.44 4.59
CA LYS A 666 12.49 20.33 4.15
C LYS A 666 11.63 21.21 5.06
N LYS A 667 12.15 21.65 6.24
CA LYS A 667 11.44 22.45 7.25
C LYS A 667 10.00 21.95 7.55
N PRO A 668 9.79 20.64 7.88
CA PRO A 668 8.42 20.19 8.17
C PRO A 668 7.87 20.75 9.47
N LEU A 669 6.53 20.79 9.57
CA LEU A 669 5.83 21.26 10.75
C LEU A 669 5.66 20.10 11.73
N TRP A 670 5.97 20.36 12.99
CA TRP A 670 5.79 19.45 14.11
C TRP A 670 4.58 20.00 14.86
N LEU A 671 3.43 19.31 14.75
CA LEU A 671 2.20 19.76 15.40
C LEU A 671 1.77 18.83 16.52
N GLU A 672 1.20 19.41 17.58
CA GLU A 672 0.68 18.63 18.70
C GLU A 672 -0.75 19.04 18.99
N PHE A 673 -1.63 18.05 19.19
CA PHE A 673 -3.05 18.27 19.45
C PHE A 673 -3.44 17.65 20.78
N LYS A 674 -4.42 18.25 21.45
CA LYS A 674 -5.03 17.67 22.64
C LYS A 674 -5.92 16.54 22.12
N CYS A 675 -6.13 15.51 22.93
CA CYS A 675 -7.07 14.45 22.53
C CYS A 675 -8.46 14.96 22.92
N ALA A 676 -9.41 14.85 21.99
CA ALA A 676 -10.78 15.33 22.14
C ALA A 676 -11.65 14.48 23.08
N ASP A 677 -11.18 13.28 23.41
CA ASP A 677 -11.94 12.37 24.25
C ASP A 677 -11.70 12.54 25.76
N PRO A 678 -12.72 12.97 26.51
CA PRO A 678 -12.54 13.15 27.97
C PRO A 678 -12.17 11.86 28.73
N THR A 679 -12.57 10.68 28.21
CA THR A 679 -12.31 9.39 28.84
C THR A 679 -10.85 8.89 28.68
N ALA A 680 -9.98 9.65 27.99
CA ALA A 680 -8.58 9.28 27.80
C ALA A 680 -7.85 9.19 29.14
N LEU A 681 -6.99 8.16 29.26
CA LEU A 681 -6.20 7.85 30.47
C LEU A 681 -4.99 8.77 30.69
N SER A 682 -4.70 9.65 29.72
CA SER A 682 -3.55 10.54 29.74
C SER A 682 -3.90 11.90 29.21
N ASN A 683 -3.12 12.94 29.59
CA ASN A 683 -3.25 14.28 29.04
C ASN A 683 -2.19 14.50 27.93
N GLU A 684 -1.49 13.41 27.57
CA GLU A 684 -0.49 13.34 26.51
C GLU A 684 -1.11 13.72 25.15
N THR A 685 -0.40 14.58 24.44
CA THR A 685 -0.81 15.08 23.14
C THR A 685 -0.67 14.07 22.00
N ILE A 686 -1.35 14.37 20.89
CA ILE A 686 -1.29 13.61 19.66
C ILE A 686 -0.34 14.40 18.73
N GLY A 687 0.76 13.78 18.34
CA GLY A 687 1.74 14.46 17.50
C GLY A 687 1.65 14.08 16.05
N ILE A 688 1.66 15.07 15.16
CA ILE A 688 1.58 14.85 13.72
C ILE A 688 2.60 15.72 13.03
N ILE A 689 3.40 15.14 12.11
CA ILE A 689 4.32 15.91 11.28
C ILE A 689 3.66 16.17 9.91
N PHE A 690 3.70 17.42 9.42
CA PHE A 690 3.25 17.80 8.08
C PHE A 690 4.48 18.21 7.27
N LYS A 691 4.74 17.47 6.19
CA LYS A 691 5.95 17.68 5.41
C LYS A 691 5.71 17.79 3.92
N HIS A 692 6.38 18.77 3.29
CA HIS A 692 6.40 18.91 1.85
C HIS A 692 7.81 18.55 1.37
N GLY A 693 7.90 17.91 0.23
CA GLY A 693 9.21 17.64 -0.35
C GLY A 693 9.61 16.21 -0.60
N ASP A 694 8.95 15.27 0.06
CA ASP A 694 9.16 13.84 -0.16
C ASP A 694 7.88 13.23 -0.70
N ASP A 695 8.02 12.22 -1.60
CA ASP A 695 6.86 11.49 -2.10
C ASP A 695 6.51 10.43 -1.04
N LEU A 696 5.53 10.76 -0.17
CA LEU A 696 5.11 9.89 0.92
C LEU A 696 4.33 8.67 0.48
N ARG A 697 3.96 8.59 -0.80
CA ARG A 697 3.34 7.38 -1.36
C ARG A 697 4.34 6.23 -1.32
N GLN A 698 5.63 6.53 -1.47
CA GLN A 698 6.73 5.57 -1.39
C GLN A 698 6.90 5.09 0.05
N ASP A 699 6.81 6.02 1.02
CA ASP A 699 6.85 5.65 2.44
C ASP A 699 5.67 4.75 2.81
N MET A 700 4.44 5.07 2.32
CA MET A 700 3.24 4.27 2.57
C MET A 700 3.43 2.82 2.14
N LEU A 701 3.94 2.61 0.92
CA LEU A 701 4.21 1.29 0.37
C LEU A 701 5.24 0.50 1.20
N ILE A 702 6.38 1.12 1.55
CA ILE A 702 7.40 0.46 2.37
C ILE A 702 6.82 0.06 3.74
N LEU A 703 6.12 1.00 4.39
CA LEU A 703 5.51 0.79 5.69
C LEU A 703 4.47 -0.34 5.70
N GLN A 704 3.73 -0.47 4.59
CA GLN A 704 2.78 -1.58 4.47
C GLN A 704 3.50 -2.91 4.33
N ILE A 705 4.58 -2.95 3.59
CA ILE A 705 5.37 -4.16 3.44
C ILE A 705 5.95 -4.58 4.79
N LEU A 706 6.42 -3.59 5.61
CA LEU A 706 6.88 -3.87 6.97
C LEU A 706 5.79 -4.53 7.83
N ARG A 707 4.55 -4.06 7.75
CA ARG A 707 3.42 -4.68 8.45
C ARG A 707 3.20 -6.11 7.99
N ILE A 708 3.39 -6.37 6.70
CA ILE A 708 3.27 -7.72 6.17
C ILE A 708 4.36 -8.62 6.72
N MET A 709 5.59 -8.09 6.76
CA MET A 709 6.75 -8.81 7.31
C MET A 709 6.49 -9.21 8.75
N GLU A 710 5.93 -8.28 9.56
CA GLU A 710 5.53 -8.54 10.94
C GLU A 710 4.48 -9.65 11.05
N SER A 711 3.52 -9.70 10.13
CA SER A 711 2.50 -10.74 10.19
C SER A 711 3.12 -12.13 9.85
N ILE A 712 4.09 -12.15 8.92
CA ILE A 712 4.84 -13.36 8.56
C ILE A 712 5.62 -13.87 9.77
N TRP A 713 6.33 -12.95 10.44
CA TRP A 713 7.11 -13.26 11.61
C TRP A 713 6.23 -13.78 12.73
N GLU A 714 5.02 -13.22 12.87
CA GLU A 714 4.03 -13.66 13.85
C GLU A 714 3.66 -15.12 13.63
N THR A 715 3.54 -15.55 12.35
CA THR A 715 3.20 -16.94 12.02
C THR A 715 4.25 -17.92 12.57
N GLU A 716 5.45 -17.42 12.86
CA GLU A 716 6.56 -18.23 13.30
C GLU A 716 6.96 -17.85 14.72
N SER A 717 6.01 -17.19 15.44
CA SER A 717 6.15 -16.76 16.83
C SER A 717 7.36 -15.85 17.06
N LEU A 718 7.60 -14.94 16.13
CA LEU A 718 8.69 -13.98 16.24
C LEU A 718 8.11 -12.55 16.29
N ASP A 719 8.55 -11.75 17.28
CA ASP A 719 8.18 -10.35 17.39
C ASP A 719 9.45 -9.54 17.24
N LEU A 720 9.62 -8.91 16.08
CA LEU A 720 10.81 -8.16 15.73
C LEU A 720 10.76 -6.69 16.07
N CYS A 721 9.72 -6.25 16.80
CA CYS A 721 9.59 -4.89 17.30
C CYS A 721 9.74 -3.81 16.25
N LEU A 722 9.14 -4.00 15.07
CA LEU A 722 9.18 -2.94 14.07
C LEU A 722 8.26 -1.83 14.55
N LEU A 723 8.43 -0.66 13.96
CA LEU A 723 7.59 0.46 14.31
C LEU A 723 7.12 1.07 13.00
N PRO A 724 6.13 0.44 12.30
CA PRO A 724 5.67 1.00 11.02
C PRO A 724 4.67 2.11 11.34
N TYR A 725 5.20 3.29 11.59
CA TYR A 725 4.44 4.46 11.98
C TYR A 725 3.38 4.87 10.95
N GLY A 726 2.36 5.58 11.41
CA GLY A 726 1.34 6.09 10.53
C GLY A 726 1.89 7.10 9.52
N CYS A 727 1.46 6.99 8.29
CA CYS A 727 1.90 7.88 7.21
C CYS A 727 0.84 7.94 6.14
N ILE A 728 0.41 9.17 5.76
CA ILE A 728 -0.58 9.33 4.70
C ILE A 728 -0.17 10.43 3.75
N SER A 729 -0.02 10.10 2.45
CA SER A 729 0.24 11.06 1.38
C SER A 729 -1.06 11.75 1.09
N THR A 730 -1.07 13.09 1.13
CA THR A 730 -2.30 13.87 0.90
C THR A 730 -2.33 14.60 -0.45
N GLY A 731 -1.17 14.74 -1.05
CA GLY A 731 -1.01 15.42 -2.32
C GLY A 731 0.40 15.33 -2.86
N ASP A 732 0.66 16.08 -3.95
CA ASP A 732 1.96 16.07 -4.63
C ASP A 732 3.10 16.49 -3.67
N LYS A 733 3.98 15.52 -3.35
CA LYS A 733 5.11 15.65 -2.42
C LYS A 733 4.69 16.20 -1.03
N ILE A 734 3.48 15.92 -0.60
CA ILE A 734 3.00 16.40 0.69
C ILE A 734 2.16 15.33 1.46
N GLY A 735 2.21 15.39 2.79
CA GLY A 735 1.45 14.49 3.64
C GLY A 735 1.73 14.58 5.12
N MET A 736 1.14 13.67 5.86
CA MET A 736 1.27 13.60 7.32
C MET A 736 2.00 12.33 7.78
N ILE A 737 2.70 12.46 8.90
CA ILE A 737 3.47 11.39 9.52
C ILE A 737 3.17 11.36 11.01
N GLU A 738 2.99 10.16 11.52
CA GLU A 738 2.81 9.97 12.96
C GLU A 738 4.13 10.24 13.71
N ILE A 739 4.05 11.06 14.74
CA ILE A 739 5.16 11.34 15.64
C ILE A 739 5.20 10.25 16.73
N VAL A 740 6.30 9.50 16.77
CA VAL A 740 6.54 8.50 17.81
C VAL A 740 7.10 9.28 18.99
N LYS A 741 6.45 9.15 20.13
CA LYS A 741 6.86 9.87 21.36
C LYS A 741 8.21 9.43 21.94
N ASP A 742 8.97 10.39 22.50
CA ASP A 742 10.27 10.18 23.15
C ASP A 742 11.26 9.42 22.23
N ALA A 743 11.37 9.89 20.99
CA ALA A 743 12.22 9.32 19.94
C ALA A 743 13.16 10.35 19.38
N THR A 744 14.38 9.92 19.11
CA THR A 744 15.43 10.80 18.60
C THR A 744 16.18 10.08 17.48
N THR A 745 16.79 10.86 16.60
CA THR A 745 17.63 10.39 15.52
C THR A 745 18.95 9.86 16.10
N ILE A 746 19.49 8.79 15.51
CA ILE A 746 20.81 8.25 15.87
C ILE A 746 21.91 9.33 15.67
N ALA A 747 21.82 10.10 14.57
CA ALA A 747 22.74 11.17 14.26
C ALA A 747 22.72 12.27 15.34
N LYS A 748 21.51 12.62 15.84
CA LYS A 748 21.29 13.60 16.90
C LYS A 748 21.95 13.14 18.19
N ILE A 749 21.86 11.83 18.49
CA ILE A 749 22.49 11.23 19.67
C ILE A 749 24.01 11.38 19.55
N GLN A 750 24.56 11.16 18.36
CA GLN A 750 25.98 11.34 18.11
C GLN A 750 26.37 12.85 18.30
N GLN A 751 25.61 13.74 17.63
CA GLN A 751 25.77 15.20 17.63
C GLN A 751 25.70 15.83 19.01
N SER A 752 24.85 15.33 19.93
CA SER A 752 24.73 15.88 21.29
C SER A 752 26.01 15.81 22.13
N THR A 753 26.95 14.92 21.75
CA THR A 753 28.28 14.80 22.37
C THR A 753 29.31 15.72 21.63
N VAL A 754 28.83 16.40 20.55
CA VAL A 754 29.47 17.34 19.61
C VAL A 754 29.92 16.69 18.28
N GLY A 755 29.10 16.94 17.28
CA GLY A 755 29.30 16.50 15.90
C GLY A 755 30.39 17.34 15.28
N ASN A 756 31.66 16.86 15.37
CA ASN A 756 32.90 17.51 14.92
C ASN A 756 33.06 17.61 13.39
N THR A 757 32.11 17.00 12.63
CA THR A 757 31.89 16.84 11.17
C THR A 757 31.87 15.34 10.74
N GLY A 758 31.13 14.57 11.53
CA GLY A 758 31.01 13.14 11.36
C GLY A 758 32.04 12.38 12.18
N ALA A 759 32.45 12.93 13.38
CA ALA A 759 33.40 12.27 14.29
C ALA A 759 32.64 11.34 15.23
N PHE A 760 32.20 10.19 14.70
CA PHE A 760 31.38 9.23 15.42
C PHE A 760 32.07 8.45 16.52
N LYS A 761 31.35 8.28 17.65
CA LYS A 761 31.83 7.54 18.81
C LYS A 761 30.99 6.28 19.09
N ASP A 762 31.66 5.22 19.53
CA ASP A 762 31.05 3.90 19.75
C ASP A 762 30.13 3.76 20.95
N GLU A 763 30.45 4.40 22.05
CA GLU A 763 29.77 4.23 23.32
C GLU A 763 28.52 5.08 23.49
N VAL A 764 28.38 6.13 22.67
CA VAL A 764 27.33 7.14 22.82
C VAL A 764 25.89 6.66 22.91
N LEU A 765 25.51 5.68 22.09
CA LEU A 765 24.13 5.18 22.07
C LEU A 765 23.80 4.44 23.38
N ASN A 766 24.70 3.55 23.82
CA ASN A 766 24.52 2.83 25.07
C ASN A 766 24.37 3.81 26.26
N HIS A 767 25.20 4.87 26.27
CA HIS A 767 25.18 5.95 27.28
C HIS A 767 23.81 6.60 27.34
N TRP A 768 23.28 6.96 26.17
CA TRP A 768 21.99 7.61 25.97
C TRP A 768 20.89 6.73 26.52
N LEU A 769 20.90 5.44 26.15
CA LEU A 769 19.92 4.47 26.62
C LEU A 769 19.95 4.33 28.14
N LYS A 770 21.16 4.30 28.73
CA LYS A 770 21.31 4.21 30.17
C LYS A 770 20.74 5.47 30.81
N GLU A 771 21.09 6.65 30.28
CA GLU A 771 20.60 7.94 30.78
C GLU A 771 19.05 8.05 30.77
N LYS A 772 18.42 7.47 29.76
CA LYS A 772 16.97 7.56 29.56
C LYS A 772 16.13 6.52 30.33
N SER A 773 16.81 5.51 30.89
CA SER A 773 16.17 4.44 31.67
C SER A 773 16.06 4.86 33.16
N PRO A 774 14.84 4.84 33.73
CA PRO A 774 14.67 5.27 35.14
C PRO A 774 15.23 4.31 36.19
N THR A 775 15.44 3.04 35.79
CA THR A 775 16.00 1.96 36.62
C THR A 775 16.85 1.05 35.75
N GLU A 776 17.56 0.11 36.36
CA GLU A 776 18.38 -0.86 35.65
C GLU A 776 17.53 -1.94 35.00
N GLU A 777 16.36 -2.26 35.58
CA GLU A 777 15.43 -3.25 35.06
C GLU A 777 14.93 -2.74 33.72
N LYS A 778 14.50 -1.46 33.68
CA LYS A 778 14.01 -0.83 32.45
C LYS A 778 15.14 -0.72 31.39
N PHE A 779 16.39 -0.48 31.83
CA PHE A 779 17.54 -0.41 30.93
C PHE A 779 17.81 -1.73 30.22
N GLN A 780 17.69 -2.84 30.96
CA GLN A 780 17.87 -4.16 30.37
C GLN A 780 16.74 -4.48 29.39
N ALA A 781 15.50 -4.04 29.70
CA ALA A 781 14.35 -4.22 28.79
C ALA A 781 14.62 -3.43 27.49
N ALA A 782 15.19 -2.22 27.63
CA ALA A 782 15.58 -1.38 26.50
C ALA A 782 16.68 -2.02 25.62
N VAL A 783 17.68 -2.66 26.23
CA VAL A 783 18.72 -3.34 25.47
C VAL A 783 18.14 -4.53 24.73
N GLU A 784 17.20 -5.28 25.36
CA GLU A 784 16.55 -6.41 24.71
C GLU A 784 15.75 -5.95 23.49
N ARG A 785 14.99 -4.85 23.66
CA ARG A 785 14.16 -4.27 22.61
C ARG A 785 15.02 -3.79 21.43
N PHE A 786 16.22 -3.24 21.71
CA PHE A 786 17.14 -2.80 20.68
C PHE A 786 17.63 -3.97 19.87
N VAL A 787 18.03 -5.05 20.52
CA VAL A 787 18.51 -6.25 19.83
C VAL A 787 17.46 -6.77 18.85
N TYR A 788 16.22 -6.92 19.31
CA TYR A 788 15.12 -7.39 18.45
C TYR A 788 14.82 -6.43 17.32
N SER A 789 14.67 -5.13 17.64
CA SER A 789 14.33 -4.12 16.61
C SER A 789 15.44 -3.90 15.62
N CYS A 790 16.70 -3.94 16.08
CA CYS A 790 17.85 -3.85 15.20
C CYS A 790 17.83 -5.02 14.22
N ALA A 791 17.53 -6.22 14.74
CA ALA A 791 17.46 -7.41 13.90
C ALA A 791 16.36 -7.28 12.84
N GLY A 792 15.17 -6.84 13.28
CA GLY A 792 14.02 -6.66 12.42
C GLY A 792 14.30 -5.74 11.25
N TYR A 793 14.89 -4.57 11.53
CA TYR A 793 15.22 -3.59 10.51
C TYR A 793 16.36 -4.00 9.60
N CYS A 794 17.37 -4.69 10.15
CA CYS A 794 18.47 -5.17 9.30
C CYS A 794 17.92 -6.16 8.24
N VAL A 795 17.06 -7.10 8.67
CA VAL A 795 16.48 -8.10 7.77
C VAL A 795 15.53 -7.48 6.75
N ALA A 796 14.52 -6.72 7.24
CA ALA A 796 13.49 -6.08 6.40
C ALA A 796 14.11 -5.18 5.37
N THR A 797 14.96 -4.34 5.83
CA THR A 797 15.64 -3.32 5.06
C THR A 797 16.60 -3.92 3.99
N PHE A 798 17.28 -5.01 4.34
CA PHE A 798 18.16 -5.70 3.39
C PHE A 798 17.34 -6.28 2.24
N VAL A 799 16.24 -6.97 2.57
CA VAL A 799 15.34 -7.60 1.63
C VAL A 799 14.75 -6.63 0.61
N LEU A 800 14.43 -5.41 1.08
CA LEU A 800 13.83 -4.39 0.26
C LEU A 800 14.84 -3.51 -0.48
N GLY A 801 16.12 -3.70 -0.18
CA GLY A 801 17.21 -2.96 -0.80
C GLY A 801 17.34 -1.52 -0.36
N ILE A 802 16.87 -1.20 0.84
CA ILE A 802 16.88 0.16 1.39
C ILE A 802 17.71 0.21 2.68
N GLY A 803 18.63 -0.74 2.84
CA GLY A 803 19.43 -0.88 4.03
C GLY A 803 20.54 0.13 4.21
N ASP A 804 21.14 0.61 3.10
CA ASP A 804 22.24 1.55 3.18
C ASP A 804 21.75 2.96 3.44
N ARG A 805 21.62 3.31 4.73
CA ARG A 805 21.09 4.62 5.13
C ARG A 805 22.07 5.48 5.93
N HIS A 806 21.86 6.78 5.83
CA HIS A 806 22.54 7.74 6.66
C HIS A 806 21.81 7.60 8.02
N ASN A 807 22.55 7.67 9.11
CA ASN A 807 22.15 7.66 10.52
C ASN A 807 21.09 8.68 10.91
N ASP A 808 20.98 9.75 10.11
CA ASP A 808 20.00 10.80 10.36
C ASP A 808 18.59 10.28 10.00
N ASN A 809 18.54 9.15 9.27
CA ASN A 809 17.31 8.53 8.83
C ASN A 809 16.94 7.25 9.62
N ILE A 810 17.54 7.10 10.81
CA ILE A 810 17.28 6.01 11.75
C ILE A 810 17.02 6.66 13.10
N MET A 811 15.97 6.21 13.78
CA MET A 811 15.60 6.74 15.09
C MET A 811 15.51 5.63 16.13
N ILE A 812 15.47 6.03 17.40
CA ILE A 812 15.31 5.12 18.53
C ILE A 812 14.42 5.80 19.61
N THR A 813 13.55 5.01 20.26
CA THR A 813 12.73 5.48 21.38
C THR A 813 13.58 5.32 22.62
N GLU A 814 13.22 6.06 23.69
CA GLU A 814 13.92 5.99 24.96
C GLU A 814 13.84 4.60 25.55
N THR A 815 12.88 3.85 25.06
CA THR A 815 12.55 2.48 25.41
C THR A 815 13.38 1.44 24.60
N GLY A 816 14.30 1.90 23.77
CA GLY A 816 15.19 1.05 22.99
C GLY A 816 14.72 0.56 21.64
N ASN A 817 13.55 1.01 21.18
CA ASN A 817 13.04 0.60 19.88
C ASN A 817 13.64 1.39 18.73
N LEU A 818 14.51 0.72 17.94
CA LEU A 818 15.10 1.29 16.74
C LEU A 818 14.03 1.28 15.65
N PHE A 819 14.07 2.26 14.74
CA PHE A 819 13.19 2.30 13.57
C PHE A 819 13.72 3.26 12.49
N HIS A 820 13.64 2.82 11.24
CA HIS A 820 14.07 3.59 10.08
C HIS A 820 12.91 4.51 9.66
N ILE A 821 13.26 5.68 9.11
CA ILE A 821 12.31 6.69 8.64
C ILE A 821 12.69 7.18 7.24
N ASP A 822 11.90 8.07 6.65
CA ASP A 822 12.22 8.80 5.41
C ASP A 822 12.53 7.86 4.21
N PHE A 823 11.61 6.98 3.90
CA PHE A 823 11.79 5.99 2.83
C PHE A 823 11.65 6.55 1.43
N GLY A 824 10.88 7.62 1.30
CA GLY A 824 10.65 8.36 0.05
C GLY A 824 11.93 8.85 -0.60
N HIS A 825 12.41 8.01 -1.56
CA HIS A 825 13.62 8.03 -2.40
C HIS A 825 14.92 7.58 -1.72
N GLU A 839 31.87 3.78 -0.37
CA GLU A 839 31.64 2.35 -0.57
C GLU A 839 30.24 1.89 -0.11
N ARG A 840 29.86 0.61 -0.32
CA ARG A 840 28.50 0.13 -0.01
C ARG A 840 28.35 -0.77 1.24
N VAL A 841 27.13 -0.80 1.79
CA VAL A 841 26.77 -1.55 2.99
C VAL A 841 25.35 -2.18 2.83
N PRO A 842 25.16 -3.49 3.17
CA PRO A 842 23.83 -4.12 2.98
C PRO A 842 22.73 -3.61 3.90
N PHE A 843 23.14 -3.10 5.06
CA PHE A 843 22.27 -2.51 6.08
C PHE A 843 23.14 -1.78 7.12
N VAL A 844 22.50 -1.09 8.06
CA VAL A 844 23.19 -0.33 9.09
C VAL A 844 23.32 -1.13 10.38
N LEU A 845 24.56 -1.54 10.66
CA LEU A 845 24.93 -2.21 11.89
C LEU A 845 26.28 -1.65 12.26
N THR A 846 26.27 -0.40 12.77
CA THR A 846 27.45 0.38 13.07
C THR A 846 28.06 0.08 14.45
N PRO A 847 29.34 0.47 14.70
CA PRO A 847 29.96 0.24 16.01
C PRO A 847 29.20 0.71 17.25
N ASP A 848 28.31 1.71 17.12
CA ASP A 848 27.47 2.15 18.24
C ASP A 848 26.40 1.11 18.57
N PHE A 849 25.79 0.51 17.53
CA PHE A 849 24.78 -0.53 17.69
C PHE A 849 25.41 -1.76 18.32
N LEU A 850 26.61 -2.14 17.86
CA LEU A 850 27.37 -3.28 18.37
C LEU A 850 27.80 -3.15 19.82
N PHE A 851 28.05 -1.92 20.28
CA PHE A 851 28.43 -1.63 21.66
C PHE A 851 27.25 -1.82 22.61
N VAL A 852 26.04 -1.48 22.17
CA VAL A 852 24.82 -1.72 22.96
C VAL A 852 24.67 -3.24 23.18
N MET A 853 25.05 -4.04 22.17
CA MET A 853 25.03 -5.49 22.22
C MET A 853 26.24 -6.10 22.96
N GLY A 854 27.02 -5.26 23.66
CA GLY A 854 28.21 -5.66 24.42
C GLY A 854 29.33 -6.24 23.58
N THR A 855 29.44 -5.82 22.31
CA THR A 855 30.44 -6.27 21.34
C THR A 855 31.29 -5.11 20.81
N SER A 856 32.54 -5.41 20.50
CA SER A 856 33.51 -4.45 19.97
C SER A 856 34.41 -5.13 18.95
N GLY A 857 34.82 -4.37 17.93
CA GLY A 857 35.71 -4.82 16.86
C GLY A 857 35.35 -6.13 16.18
N LYS A 858 35.99 -7.23 16.60
CA LYS A 858 35.78 -8.54 16.00
C LYS A 858 35.40 -9.66 16.97
N LYS A 859 35.19 -9.31 18.24
CA LYS A 859 34.78 -10.28 19.26
C LYS A 859 33.25 -10.47 19.28
N THR A 860 32.74 -11.28 20.22
CA THR A 860 31.33 -11.65 20.32
C THR A 860 30.81 -11.52 21.75
N SER A 861 29.47 -11.61 21.92
CA SER A 861 28.82 -11.48 23.21
C SER A 861 27.48 -12.22 23.22
N PRO A 862 26.87 -12.47 24.43
CA PRO A 862 25.54 -13.10 24.47
C PRO A 862 24.45 -12.33 23.69
N HIS A 863 24.47 -10.99 23.75
CA HIS A 863 23.48 -10.17 23.04
C HIS A 863 23.69 -10.19 21.54
N PHE A 864 24.96 -10.18 21.09
CA PHE A 864 25.28 -10.22 19.67
C PHE A 864 24.98 -11.57 19.08
N GLN A 865 25.17 -12.64 19.87
CA GLN A 865 24.82 -14.00 19.46
C GLN A 865 23.30 -14.09 19.33
N LYS A 866 22.56 -13.43 20.25
CA LYS A 866 21.10 -13.35 20.19
C LYS A 866 20.69 -12.63 18.91
N PHE A 867 21.33 -11.48 18.62
CA PHE A 867 21.10 -10.70 17.40
C PHE A 867 21.24 -11.57 16.12
N GLN A 868 22.37 -12.29 15.98
CA GLN A 868 22.64 -13.16 14.83
C GLN A 868 21.58 -14.26 14.69
N ASP A 869 21.17 -14.86 15.81
CA ASP A 869 20.19 -15.92 15.88
C ASP A 869 18.83 -15.42 15.39
N ILE A 870 18.39 -14.27 15.93
CA ILE A 870 17.16 -13.57 15.55
C ILE A 870 17.13 -13.22 14.07
N CYS A 871 18.23 -12.64 13.54
CA CYS A 871 18.34 -12.29 12.12
C CYS A 871 18.13 -13.49 11.21
N VAL A 872 18.81 -14.58 11.50
CA VAL A 872 18.74 -15.83 10.73
C VAL A 872 17.32 -16.38 10.70
N LYS A 873 16.71 -16.51 11.89
CA LYS A 873 15.34 -17.00 12.03
C LYS A 873 14.38 -16.11 11.23
N ALA A 874 14.52 -14.77 11.39
CA ALA A 874 13.69 -13.82 10.68
C ALA A 874 13.85 -13.88 9.17
N TYR A 875 15.12 -13.97 8.71
CA TYR A 875 15.46 -14.05 7.29
C TYR A 875 14.90 -15.30 6.68
N LEU A 876 15.06 -16.43 7.39
CA LEU A 876 14.56 -17.73 6.94
C LEU A 876 13.04 -17.75 6.89
N ALA A 877 12.37 -17.10 7.88
CA ALA A 877 10.91 -16.96 7.91
C ALA A 877 10.43 -16.19 6.69
N LEU A 878 11.10 -15.07 6.32
CA LEU A 878 10.71 -14.31 5.12
C LEU A 878 10.84 -15.16 3.86
N ARG A 879 11.92 -15.95 3.75
CA ARG A 879 12.16 -16.84 2.61
C ARG A 879 11.06 -17.89 2.41
N HIS A 880 10.32 -18.25 3.49
CA HIS A 880 9.18 -19.17 3.38
C HIS A 880 8.01 -18.54 2.63
N HIS A 881 8.03 -17.21 2.48
CA HIS A 881 7.05 -16.44 1.75
C HIS A 881 7.70 -15.69 0.63
N THR A 882 8.68 -16.31 -0.04
CA THR A 882 9.42 -15.70 -1.15
C THR A 882 8.52 -15.15 -2.22
N ASN A 883 7.58 -15.96 -2.70
CA ASN A 883 6.70 -15.55 -3.80
C ASN A 883 5.82 -14.35 -3.51
N LEU A 884 5.27 -14.30 -2.29
CA LEU A 884 4.47 -13.18 -1.81
C LEU A 884 5.31 -11.90 -1.78
N LEU A 885 6.52 -11.98 -1.24
CA LEU A 885 7.40 -10.82 -1.17
C LEU A 885 7.84 -10.33 -2.54
N ILE A 886 8.10 -11.25 -3.48
CA ILE A 886 8.43 -10.90 -4.86
C ILE A 886 7.26 -10.12 -5.50
N ILE A 887 6.02 -10.63 -5.39
CA ILE A 887 4.87 -9.97 -6.02
C ILE A 887 4.63 -8.61 -5.43
N LEU A 888 4.70 -8.51 -4.10
CA LEU A 888 4.51 -7.25 -3.40
C LEU A 888 5.56 -6.23 -3.78
N PHE A 889 6.83 -6.63 -3.85
CA PHE A 889 7.96 -5.79 -4.26
C PHE A 889 7.78 -5.32 -5.72
N SER A 890 7.45 -6.25 -6.63
CA SER A 890 7.23 -5.98 -8.05
C SER A 890 6.11 -4.94 -8.25
N MET A 891 4.99 -5.11 -7.55
CA MET A 891 3.86 -4.20 -7.57
C MET A 891 4.21 -2.85 -7.00
N MET A 892 4.96 -2.83 -5.89
CA MET A 892 5.41 -1.59 -5.28
C MET A 892 6.22 -0.72 -6.25
N LEU A 893 7.17 -1.34 -6.96
CA LEU A 893 7.98 -0.60 -7.92
C LEU A 893 7.17 -0.11 -9.09
N MET A 894 6.26 -0.93 -9.60
CA MET A 894 5.46 -0.60 -10.77
C MET A 894 4.44 0.48 -10.55
N THR A 895 3.91 0.57 -9.33
CA THR A 895 2.85 1.53 -8.99
C THR A 895 3.29 2.67 -8.13
N GLY A 896 4.40 2.57 -7.43
CA GLY A 896 4.78 3.65 -6.54
C GLY A 896 6.07 4.37 -6.80
N MET A 897 7.03 3.70 -7.46
CA MET A 897 8.34 4.27 -7.72
C MET A 897 8.70 4.29 -9.20
N PRO A 898 8.07 5.27 -9.94
CA PRO A 898 8.31 5.49 -11.36
C PRO A 898 8.89 4.44 -12.33
N GLN A 899 9.67 4.86 -13.35
CA GLN A 899 10.17 3.96 -14.42
C GLN A 899 11.20 2.87 -14.03
N LEU A 900 10.71 1.62 -13.93
CA LEU A 900 11.48 0.45 -13.51
C LEU A 900 11.57 -0.66 -14.56
N THR A 901 12.76 -1.24 -14.65
CA THR A 901 13.12 -2.33 -15.55
C THR A 901 12.40 -3.51 -15.02
N SER A 902 11.27 -3.86 -15.73
CA SER A 902 10.33 -4.94 -15.40
C SER A 902 11.04 -6.32 -15.16
N LYS A 903 12.38 -6.24 -15.19
CA LYS A 903 13.31 -7.31 -14.96
C LYS A 903 14.31 -6.89 -13.86
N GLU A 904 15.34 -6.12 -14.20
CA GLU A 904 16.50 -5.83 -13.38
C GLU A 904 16.23 -5.30 -11.99
N ASP A 905 15.52 -4.18 -11.90
CA ASP A 905 15.19 -3.52 -10.65
C ASP A 905 14.40 -4.46 -9.74
N ILE A 906 13.38 -5.11 -10.32
CA ILE A 906 12.48 -6.05 -9.66
C ILE A 906 13.20 -7.30 -9.19
N GLU A 907 14.21 -7.74 -9.95
CA GLU A 907 14.99 -8.92 -9.60
C GLU A 907 15.82 -8.77 -8.33
N TYR A 908 16.02 -7.54 -7.81
CA TYR A 908 16.80 -7.36 -6.58
C TYR A 908 16.32 -8.29 -5.46
N ILE A 909 15.00 -8.29 -5.18
CA ILE A 909 14.42 -9.06 -4.08
C ILE A 909 14.63 -10.54 -4.22
N ARG A 910 14.67 -11.07 -5.45
CA ARG A 910 14.92 -12.49 -5.63
C ARG A 910 16.35 -12.80 -5.22
N ASP A 911 17.29 -11.86 -5.43
CA ASP A 911 18.69 -12.04 -5.04
C ASP A 911 18.86 -11.88 -3.55
N ALA A 912 18.20 -10.87 -2.96
CA ALA A 912 18.20 -10.64 -1.52
C ALA A 912 17.62 -11.82 -0.76
N LEU A 913 16.61 -12.49 -1.34
CA LEU A 913 15.94 -13.65 -0.72
C LEU A 913 16.63 -14.95 -1.06
N THR A 914 17.77 -14.85 -1.76
CA THR A 914 18.59 -15.99 -2.15
C THR A 914 17.77 -17.22 -2.56
N VAL A 915 16.98 -17.06 -3.60
CA VAL A 915 16.16 -18.10 -4.20
C VAL A 915 17.09 -19.16 -4.74
N GLY A 916 16.76 -20.43 -4.54
CA GLY A 916 17.61 -21.51 -5.05
C GLY A 916 18.70 -21.95 -4.11
N LYS A 917 18.68 -21.43 -2.88
CA LYS A 917 19.62 -21.85 -1.85
C LYS A 917 18.90 -22.61 -0.75
N ASN A 918 19.59 -23.55 -0.10
CA ASN A 918 19.04 -24.27 1.03
C ASN A 918 19.21 -23.39 2.27
N GLU A 919 18.53 -23.75 3.35
CA GLU A 919 18.51 -22.95 4.57
C GLU A 919 19.88 -22.67 5.19
N GLU A 920 20.78 -23.67 5.18
CA GLU A 920 22.13 -23.52 5.71
C GLU A 920 22.96 -22.53 4.91
N ASP A 921 22.87 -22.59 3.58
CA ASP A 921 23.55 -21.64 2.70
C ASP A 921 22.96 -20.24 2.86
N ALA A 922 21.61 -20.15 2.95
CA ALA A 922 20.90 -18.89 3.18
C ALA A 922 21.33 -18.27 4.53
N LYS A 923 21.46 -19.11 5.58
CA LYS A 923 21.91 -18.69 6.90
C LYS A 923 23.33 -18.10 6.81
N LYS A 924 24.25 -18.78 6.10
CA LYS A 924 25.65 -18.36 5.96
C LYS A 924 25.73 -17.03 5.23
N TYR A 925 24.94 -16.91 4.15
CA TYR A 925 24.84 -15.69 3.35
C TYR A 925 24.52 -14.48 4.23
N PHE A 926 23.47 -14.58 5.07
CA PHE A 926 23.07 -13.46 5.92
C PHE A 926 24.10 -13.17 7.00
N LEU A 927 24.73 -14.21 7.55
CA LEU A 927 25.76 -14.02 8.56
C LEU A 927 26.97 -13.30 7.96
N ASP A 928 27.24 -13.55 6.67
CA ASP A 928 28.29 -12.89 5.92
C ASP A 928 27.96 -11.42 5.70
N GLN A 929 26.66 -11.11 5.51
CA GLN A 929 26.18 -9.73 5.35
C GLN A 929 26.41 -8.95 6.63
N ILE A 930 26.20 -9.61 7.79
CA ILE A 930 26.46 -9.02 9.09
C ILE A 930 27.97 -8.66 9.20
N GLU A 931 28.85 -9.56 8.72
CA GLU A 931 30.28 -9.36 8.78
C GLU A 931 30.75 -8.21 7.90
N VAL A 932 30.15 -8.04 6.69
CA VAL A 932 30.44 -6.92 5.79
C VAL A 932 30.27 -5.62 6.56
N CYS A 933 29.15 -5.48 7.32
CA CYS A 933 28.86 -4.32 8.16
C CYS A 933 29.93 -4.09 9.20
N ARG A 934 30.37 -5.17 9.85
CA ARG A 934 31.41 -5.09 10.87
C ARG A 934 32.75 -4.68 10.27
N ASP A 935 33.06 -5.13 9.06
CA ASP A 935 34.29 -4.79 8.34
C ASP A 935 34.36 -3.31 7.97
N LYS A 936 33.21 -2.74 7.56
CA LYS A 936 33.11 -1.36 7.14
C LYS A 936 33.07 -0.34 8.29
N GLY A 937 32.68 -0.77 9.48
CA GLY A 937 32.57 0.08 10.67
C GLY A 937 31.82 1.38 10.42
N TRP A 938 32.50 2.50 10.67
CA TRP A 938 31.96 3.84 10.48
C TRP A 938 32.18 4.42 9.07
N THR A 939 32.87 3.68 8.16
CA THR A 939 33.26 4.16 6.81
C THR A 939 32.16 4.70 5.94
N VAL A 940 31.05 3.98 5.87
CA VAL A 940 29.92 4.37 5.03
C VAL A 940 29.19 5.58 5.61
N GLN A 941 29.01 5.59 6.96
CA GLN A 941 28.38 6.71 7.65
C GLN A 941 29.17 8.01 7.41
N PHE A 942 30.50 7.90 7.44
CA PHE A 942 31.41 9.03 7.22
C PHE A 942 31.36 9.54 5.79
N ASN A 943 31.13 8.65 4.81
CA ASN A 943 31.09 9.02 3.41
C ASN A 943 30.05 10.05 3.03
N TRP A 944 28.91 10.17 3.75
CA TRP A 944 27.95 11.24 3.46
C TRP A 944 28.59 12.60 3.77
N PHE A 945 29.28 12.68 4.94
CA PHE A 945 29.95 13.89 5.40
C PHE A 945 31.08 14.30 4.48
N LEU A 946 31.91 13.33 4.03
CA LEU A 946 33.02 13.51 3.07
C LEU A 946 32.46 14.09 1.77
N HIS A 947 31.33 13.52 1.29
CA HIS A 947 30.67 13.93 0.05
C HIS A 947 30.04 15.32 0.14
N LEU A 948 29.17 15.56 1.15
CA LEU A 948 28.48 16.85 1.45
C LEU A 948 29.41 18.08 1.54
N VAL A 949 30.67 17.88 1.92
CA VAL A 949 31.69 18.91 1.97
C VAL A 949 32.33 19.10 0.56
N LEU A 950 32.71 17.99 -0.11
CA LEU A 950 33.37 17.99 -1.42
C LEU A 950 32.43 17.74 -2.61
C1 XAZ B . 9.52 10.30 9.53
C2 XAZ B . 9.36 10.33 11.10
C3 XAZ B . 8.69 9.24 11.71
C4 XAZ B . 8.52 9.20 13.07
C5 XAZ B . 7.83 8.09 13.60
N6 XAZ B . 8.95 10.14 13.93
N7 XAZ B . 8.91 10.34 15.34
C8 XAZ B . 9.46 11.45 15.67
N9 XAZ B . 9.51 11.85 17.03
C10 XAZ B . 9.93 12.11 14.48
C11 XAZ B . 9.63 11.30 13.40
N12 XAZ B . 9.80 11.33 11.96
#